data_9U4W
#
_entry.id   9U4W
#
_cell.length_a   1.00
_cell.length_b   1.00
_cell.length_c   1.00
_cell.angle_alpha   90.00
_cell.angle_beta   90.00
_cell.angle_gamma   90.00
#
_symmetry.space_group_name_H-M   'P 1'
#
loop_
_entity.id
_entity.type
_entity.pdbx_description
1 polymer 'Guanine nucleotide-binding protein G(q) subunit alpha-1'
2 polymer 'Guanine nucleotide-binding protein G(I)/G(S)/G(T) subunit beta-1'
3 polymer Gonadoliberin-1
4 polymer 'Guanine nucleotide-binding protein G(I)/G(S)/G(O) subunit gamma-2'
5 polymer 'Beta-2 adrenergic receptor,Gonadotropin-releasing hormone receptor'
6 polymer scFv16
#
loop_
_entity_poly.entity_id
_entity_poly.type
_entity_poly.pdbx_seq_one_letter_code
_entity_poly.pdbx_strand_id
1 'polypeptide(L)'
;MGSTVSAEDKAAAERSKMIDKNLREDGEKARRTLRLLLLGADNSGKSTIVKQMRILHGGSGGSGGTSGIFETKFQVDKVN
FHMFDVGGQRDERRKWIQCFNDVTAIIFVVDSSDYNRLQEALNDFKSIWNNRWLRTISVILFLNKQDLLAEKVLAGKSKI
EDYFPEFARYTTPEDATPEPGEDPRVTRAKYFIRKEFVDISTASGDGRHICYPHFTCAVDTENARRIFNDCKDIILQMNL
REYNLV
;
A
2 'polypeptide(L)'
;GSLLQSELDQLRQEAEQLKNQIRDARKACADATLSQITNNIDPVGRIQMRTRRTLRGHLAKIYAMHWGTDSRLLVSASQD
GKLIIWDSYTTNKVHAIPLRSSWVMTCAYAPSGNYVACGGLDNICSIYNLKTREGNVRVSRELAGHTGYLSCCRFLDDNQ
IVTSSGDTTCALWDIETGQQTTTFTGHTGDVMSLSLAPDTRLFVSGACDASAKLWDVREGMCRQTFTGHESDINAICFFP
NGNAFATGSDDATCRLFDLRADQELMTYSHDNIICGITSVSFSKSGRLLLAGYDDFNCNVWDALKADRAGVLAGHDNRVS
CLGVTDDGMAVATGSWDSFLKIWN
;
B
3 'polypeptide(L)' (PCA)HWSYGLRPG(NH2) F
4 'polypeptide(L)' MASNNTASIAQARKLVEQLKMEANIDRIKVSKAAADLMAYCEAHAKEDPLLTPVPASENPFREKKFFCAIL G
5 'polypeptide(L)'
;MDSKGSSQKGSRLLLLLVVSNLLLCQGVVSDYKDDDDVHHHHHHHHDMGQPGNGSAFLLAPNGSHAPDHDVTQQRDEENL
YFQGASMANSASPEQNQNHCSAINSSILLTQGNLPTLTLSGKIRVTVTFFLFLLSTAFNASFLLKLQKWTQRKEKGKKLS
RMKVLLKHLTLANLLETLIVMPLDGMWNITVQWYAGEFLCKVLSYLKLFSMYAPAFMMVVISLDRSLAITRPLAVKSNSR
LGRFMIGLAWLLSSIFAGPQLYIFRMIHLADSSGQTEGFSQCVTHGSFPQWWHQAFYNFFTFSCLFIIPLLIMLICNAKI
MFTLTRVLQQDPHNLQLNQSKNNIPRARLRTLKMTVAFAASFIVCWTPYYVLGIWYWFDPEMVNRVSDPVNHFFFLFAFL
NPCFDPLIYGYFSL
;
R
6 'polypeptide(L)'
;MLLVNQSHQGFNKEHTSKMVSAIVLYVLLAAAAHSAFAVQLVESGGGLVQPGGSRKLSCSASGFAFSSFGMHWVRQAPEK
GLEWVAYISSGSGTIYYADTVKGRFTISRDDPKNTLFLQMTSLRSEDTAMYYCVRSIYYYGSSPFDFWGQGTTLTVSAGG
GGSGGGGSGGGGSADIVMTQATSSVPVTPGESVSISCRSSKSLLHSNGNTYLYWFLQRPGQSPQLLIYRMSNLASGVPDR
FSGSGSGTAFTLTISRLEAEDVGVYYCMQHLEYPLTFGAGTKLEL
;
S
#
# COMPACT_ATOMS: atom_id res chain seq x y z
N SER A 6 6.04 -11.27 26.68
CA SER A 6 5.95 -11.30 25.22
C SER A 6 5.68 -12.72 24.73
N ALA A 7 5.12 -13.55 25.62
CA ALA A 7 4.78 -14.91 25.23
C ALA A 7 3.61 -14.94 24.26
N GLU A 8 2.75 -13.93 24.30
CA GLU A 8 1.62 -13.84 23.40
C GLU A 8 1.90 -12.99 22.16
N ASP A 9 2.84 -12.04 22.27
CA ASP A 9 3.14 -11.18 21.12
C ASP A 9 3.82 -11.95 19.99
N LYS A 10 4.48 -13.06 20.31
CA LYS A 10 5.09 -13.88 19.27
C LYS A 10 4.03 -14.48 18.36
N ALA A 11 2.94 -14.98 18.95
CA ALA A 11 1.84 -15.48 18.14
C ALA A 11 1.17 -14.36 17.36
N ALA A 12 1.13 -13.15 17.92
CA ALA A 12 0.60 -12.01 17.17
C ALA A 12 1.47 -11.73 15.94
N ALA A 13 2.79 -11.79 16.10
CA ALA A 13 3.67 -11.61 14.96
C ALA A 13 3.48 -12.73 13.94
N GLU A 14 3.22 -13.95 14.42
CA GLU A 14 2.98 -15.05 13.49
C GLU A 14 1.71 -14.82 12.68
N ARG A 15 0.64 -14.36 13.34
CA ARG A 15 -0.57 -13.99 12.61
C ARG A 15 -0.29 -12.89 11.59
N SER A 16 0.49 -11.89 11.99
CA SER A 16 0.81 -10.80 11.07
C SER A 16 1.55 -11.32 9.85
N LYS A 17 2.51 -12.23 10.06
CA LYS A 17 3.26 -12.79 8.94
C LYS A 17 2.36 -13.60 8.01
N MET A 18 1.47 -14.41 8.59
CA MET A 18 0.54 -15.18 7.75
C MET A 18 -0.36 -14.26 6.94
N ILE A 19 -0.87 -13.19 7.57
CA ILE A 19 -1.74 -12.27 6.86
C ILE A 19 -0.96 -11.57 5.75
N ASP A 20 0.29 -11.21 6.01
CA ASP A 20 1.11 -10.60 4.96
C ASP A 20 1.29 -11.55 3.80
N LYS A 21 1.53 -12.84 4.10
CA LYS A 21 1.70 -13.83 3.03
C LYS A 21 0.44 -13.93 2.18
N ASN A 22 -0.73 -14.00 2.83
CA ASN A 22 -1.98 -14.12 2.08
C ASN A 22 -2.23 -12.87 1.25
N LEU A 23 -1.96 -11.69 1.82
CA LEU A 23 -2.12 -10.44 1.07
C LEU A 23 -1.20 -10.42 -0.15
N ARG A 24 0.04 -10.86 0.01
CA ARG A 24 0.96 -10.90 -1.11
C ARG A 24 0.47 -11.85 -2.19
N GLU A 25 -0.06 -13.01 -1.80
CA GLU A 25 -0.60 -13.94 -2.79
C GLU A 25 -1.76 -13.30 -3.54
N ASP A 26 -2.68 -12.65 -2.82
CA ASP A 26 -3.82 -12.01 -3.47
C ASP A 26 -3.36 -10.93 -4.44
N GLY A 27 -2.36 -10.13 -4.05
CA GLY A 27 -1.84 -9.11 -4.95
C GLY A 27 -1.19 -9.72 -6.17
N GLU A 28 -0.45 -10.83 -5.99
CA GLU A 28 0.18 -11.50 -7.11
C GLU A 28 -0.85 -11.98 -8.12
N LYS A 29 -1.96 -12.53 -7.63
CA LYS A 29 -2.96 -13.09 -8.53
C LYS A 29 -3.56 -12.05 -9.48
N ALA A 30 -3.46 -10.75 -9.16
CA ALA A 30 -4.19 -9.73 -9.88
C ALA A 30 -3.31 -8.67 -10.54
N ARG A 31 -2.00 -8.70 -10.34
CA ARG A 31 -1.15 -7.66 -10.92
C ARG A 31 -1.12 -7.74 -12.44
N ARG A 32 -1.09 -8.96 -12.99
CA ARG A 32 -0.87 -9.17 -14.41
C ARG A 32 -2.16 -9.10 -15.23
N THR A 33 -3.18 -8.43 -14.72
CA THR A 33 -4.47 -8.32 -15.41
C THR A 33 -4.70 -6.87 -15.80
N LEU A 34 -5.01 -6.64 -17.07
CA LEU A 34 -5.25 -5.30 -17.58
C LEU A 34 -6.65 -4.83 -17.18
N ARG A 35 -6.75 -3.54 -16.88
CA ARG A 35 -8.00 -2.93 -16.43
C ARG A 35 -8.52 -1.98 -17.50
N LEU A 36 -9.83 -2.01 -17.71
CA LEU A 36 -10.49 -1.10 -18.65
C LEU A 36 -11.77 -0.58 -18.04
N LEU A 37 -12.09 0.67 -18.33
CA LEU A 37 -13.35 1.30 -17.93
C LEU A 37 -14.16 1.57 -19.17
N LEU A 38 -15.38 1.05 -19.22
CA LEU A 38 -16.27 1.22 -20.35
C LEU A 38 -17.39 2.18 -19.96
N LEU A 39 -17.54 3.26 -20.71
CA LEU A 39 -18.55 4.26 -20.43
C LEU A 39 -19.06 4.83 -21.74
N GLY A 40 -20.35 5.14 -21.78
CA GLY A 40 -20.99 5.60 -22.99
C GLY A 40 -22.45 5.88 -22.76
N ALA A 41 -23.12 6.28 -23.83
CA ALA A 41 -24.53 6.66 -23.73
C ALA A 41 -25.42 5.43 -23.62
N ASP A 42 -26.57 5.62 -22.98
CA ASP A 42 -27.52 4.52 -22.81
C ASP A 42 -28.03 4.04 -24.17
N ASN A 43 -28.39 4.96 -25.06
CA ASN A 43 -28.88 4.57 -26.38
C ASN A 43 -27.83 3.77 -27.13
N SER A 44 -26.55 4.03 -26.86
CA SER A 44 -25.47 3.35 -27.54
C SER A 44 -25.40 1.88 -27.10
N GLY A 45 -24.63 1.10 -27.85
CA GLY A 45 -24.44 -0.30 -27.53
C GLY A 45 -23.51 -0.47 -26.34
N LYS A 46 -24.00 -0.11 -25.16
CA LYS A 46 -23.16 -0.13 -23.97
C LYS A 46 -22.54 -1.50 -23.75
N SER A 47 -23.35 -2.55 -23.75
CA SER A 47 -22.91 -3.89 -23.38
C SER A 47 -22.64 -4.80 -24.58
N THR A 48 -22.98 -4.37 -25.78
CA THR A 48 -22.83 -5.23 -26.95
C THR A 48 -21.45 -5.14 -27.59
N ILE A 49 -20.57 -4.26 -27.09
CA ILE A 49 -19.26 -4.10 -27.70
C ILE A 49 -18.42 -5.36 -27.54
N VAL A 50 -18.35 -5.89 -26.32
CA VAL A 50 -17.48 -7.03 -26.04
C VAL A 50 -18.21 -8.37 -26.12
N LYS A 51 -19.54 -8.36 -26.14
CA LYS A 51 -20.32 -9.59 -26.19
C LYS A 51 -20.11 -10.41 -24.91
N ILE A 69 -22.91 -1.01 -9.80
CA ILE A 69 -21.71 -1.29 -10.58
C ILE A 69 -21.87 -2.61 -11.31
N PHE A 70 -21.15 -2.76 -12.42
CA PHE A 70 -21.15 -3.98 -13.20
C PHE A 70 -19.71 -4.32 -13.54
N GLU A 71 -19.49 -5.59 -13.85
CA GLU A 71 -18.14 -6.12 -14.07
C GLU A 71 -18.18 -7.09 -15.23
N THR A 72 -17.03 -7.26 -15.88
CA THR A 72 -16.92 -8.17 -17.00
C THR A 72 -15.46 -8.56 -17.18
N LYS A 73 -15.25 -9.75 -17.73
CA LYS A 73 -13.91 -10.27 -17.97
C LYS A 73 -13.88 -10.97 -19.32
N PHE A 74 -12.78 -10.80 -20.05
CA PHE A 74 -12.58 -11.54 -21.29
C PHE A 74 -11.09 -11.71 -21.52
N GLN A 75 -10.76 -12.68 -22.36
CA GLN A 75 -9.38 -13.09 -22.59
C GLN A 75 -9.03 -12.95 -24.06
N VAL A 76 -7.81 -12.48 -24.33
CA VAL A 76 -7.32 -12.31 -25.69
C VAL A 76 -5.82 -12.58 -25.68
N ASP A 77 -5.36 -13.56 -26.44
CA ASP A 77 -3.92 -13.79 -26.54
C ASP A 77 -3.26 -14.00 -25.19
N LYS A 78 -3.91 -14.74 -24.29
CA LYS A 78 -3.31 -15.06 -23.00
C LYS A 78 -2.95 -13.82 -22.19
N VAL A 79 -3.73 -12.75 -22.35
CA VAL A 79 -3.72 -11.62 -21.43
C VAL A 79 -5.15 -11.34 -21.01
N ASN A 80 -5.37 -11.19 -19.71
CA ASN A 80 -6.70 -11.07 -19.15
C ASN A 80 -7.12 -9.62 -19.10
N PHE A 81 -8.21 -9.29 -19.80
CA PHE A 81 -8.78 -7.96 -19.78
C PHE A 81 -9.92 -7.91 -18.78
N HIS A 82 -9.91 -6.88 -17.94
CA HIS A 82 -10.86 -6.76 -16.83
C HIS A 82 -11.62 -5.46 -17.01
N MET A 83 -12.89 -5.56 -17.37
CA MET A 83 -13.72 -4.42 -17.71
C MET A 83 -14.58 -3.98 -16.53
N PHE A 84 -15.11 -2.76 -16.63
CA PHE A 84 -16.00 -2.21 -15.64
C PHE A 84 -17.07 -1.37 -16.32
N ASP A 85 -18.22 -1.25 -15.66
CA ASP A 85 -19.34 -0.48 -16.21
C ASP A 85 -20.18 -0.03 -15.02
N VAL A 86 -20.07 1.25 -14.67
CA VAL A 86 -20.72 1.76 -13.46
C VAL A 86 -22.24 1.59 -13.56
N GLY A 87 -22.86 2.19 -14.57
CA GLY A 87 -24.29 2.14 -14.75
C GLY A 87 -25.08 2.26 -13.45
N GLY A 88 -24.64 3.12 -12.55
CA GLY A 88 -25.29 3.25 -11.26
C GLY A 88 -25.55 4.68 -10.84
N GLN A 89 -24.95 5.63 -11.55
CA GLN A 89 -25.11 7.05 -11.25
C GLN A 89 -25.50 7.80 -12.52
N ARG A 90 -26.45 8.72 -12.37
CA ARG A 90 -27.04 9.36 -13.54
C ARG A 90 -26.00 10.15 -14.32
N ASP A 91 -25.27 11.04 -13.66
CA ASP A 91 -24.32 11.91 -14.33
C ASP A 91 -23.36 12.48 -13.29
N GLU A 92 -22.58 13.48 -13.69
CA GLU A 92 -21.61 14.13 -12.81
C GLU A 92 -20.61 13.11 -12.26
N ARG A 93 -19.85 12.53 -13.19
CA ARG A 93 -18.89 11.50 -12.89
C ARG A 93 -17.57 12.04 -12.35
N ARG A 94 -17.55 13.30 -11.90
CA ARG A 94 -16.29 13.96 -11.59
C ARG A 94 -15.57 13.29 -10.43
N LYS A 95 -16.24 12.44 -9.65
CA LYS A 95 -15.65 11.89 -8.44
C LYS A 95 -15.31 10.41 -8.56
N TRP A 96 -16.25 9.55 -8.96
CA TRP A 96 -15.92 8.14 -9.03
C TRP A 96 -14.97 7.82 -10.17
N ILE A 97 -14.70 8.77 -11.07
CA ILE A 97 -13.70 8.55 -12.11
C ILE A 97 -12.30 8.55 -11.50
N GLN A 98 -12.09 9.30 -10.43
CA GLN A 98 -10.77 9.35 -9.80
C GLN A 98 -10.25 7.95 -9.50
N CYS A 99 -11.13 7.06 -9.03
CA CYS A 99 -10.71 5.70 -8.69
C CYS A 99 -10.14 4.97 -9.90
N PHE A 100 -10.50 5.39 -11.12
CA PHE A 100 -10.11 4.70 -12.34
C PHE A 100 -8.95 5.38 -13.05
N ASN A 101 -8.03 6.00 -12.31
CA ASN A 101 -6.91 6.70 -12.90
C ASN A 101 -5.68 5.82 -13.11
N ASP A 102 -5.76 4.53 -12.73
CA ASP A 102 -4.68 3.58 -12.97
C ASP A 102 -5.03 2.57 -14.05
N VAL A 103 -6.12 2.80 -14.78
CA VAL A 103 -6.56 1.85 -15.80
C VAL A 103 -5.66 1.95 -17.01
N THR A 104 -5.76 0.98 -17.91
CA THR A 104 -4.95 0.96 -19.12
C THR A 104 -5.61 1.74 -20.26
N ALA A 105 -6.92 1.66 -20.39
CA ALA A 105 -7.62 2.41 -21.42
C ALA A 105 -9.08 2.60 -21.03
N ILE A 106 -9.67 3.67 -21.52
CA ILE A 106 -11.09 3.97 -21.35
C ILE A 106 -11.78 3.71 -22.68
N ILE A 107 -12.86 2.93 -22.66
CA ILE A 107 -13.60 2.59 -23.86
C ILE A 107 -14.83 3.47 -23.93
N PHE A 108 -14.88 4.32 -24.95
CA PHE A 108 -15.96 5.28 -25.15
C PHE A 108 -16.79 4.81 -26.33
N VAL A 109 -18.09 4.64 -26.10
CA VAL A 109 -19.00 4.12 -27.12
C VAL A 109 -20.03 5.20 -27.43
N VAL A 110 -20.14 5.55 -28.71
CA VAL A 110 -21.03 6.61 -29.17
C VAL A 110 -21.91 6.05 -30.28
N ASP A 111 -23.20 6.39 -30.23
CA ASP A 111 -24.15 5.98 -31.26
C ASP A 111 -24.09 6.97 -32.40
N SER A 112 -23.64 6.52 -33.57
CA SER A 112 -23.46 7.40 -34.71
C SER A 112 -24.78 7.75 -35.38
N SER A 113 -25.75 6.82 -35.38
CA SER A 113 -26.99 7.05 -36.12
C SER A 113 -27.76 8.23 -35.58
N ASP A 114 -27.85 8.35 -34.26
CA ASP A 114 -28.66 9.40 -33.63
C ASP A 114 -27.91 10.72 -33.72
N TYR A 115 -28.14 11.45 -34.81
CA TYR A 115 -27.51 12.75 -34.98
C TYR A 115 -27.94 13.71 -33.88
N ASN A 116 -29.23 13.69 -33.52
CA ASN A 116 -29.72 14.60 -32.49
C ASN A 116 -29.06 14.35 -31.14
N ARG A 117 -28.44 13.19 -30.95
CA ARG A 117 -27.75 12.84 -29.71
C ARG A 117 -26.25 12.68 -29.94
N LEU A 118 -25.65 13.59 -30.72
CA LEU A 118 -24.22 13.59 -30.96
C LEU A 118 -23.50 14.76 -30.32
N GLN A 119 -24.17 15.89 -30.13
CA GLN A 119 -23.54 16.99 -29.41
C GLN A 119 -23.26 16.62 -27.97
N GLU A 120 -24.21 15.95 -27.32
CA GLU A 120 -23.99 15.50 -25.94
C GLU A 120 -22.83 14.52 -25.88
N ALA A 121 -22.76 13.60 -26.85
CA ALA A 121 -21.65 12.65 -26.86
C ALA A 121 -20.32 13.36 -27.06
N LEU A 122 -20.28 14.36 -27.95
CA LEU A 122 -19.05 15.11 -28.15
C LEU A 122 -18.62 15.84 -26.89
N ASN A 123 -19.58 16.46 -26.20
CA ASN A 123 -19.26 17.16 -24.96
C ASN A 123 -18.78 16.18 -23.90
N ASP A 124 -19.39 15.00 -23.82
CA ASP A 124 -18.93 14.00 -22.87
C ASP A 124 -17.52 13.55 -23.18
N PHE A 125 -17.20 13.36 -24.46
CA PHE A 125 -15.84 12.99 -24.83
C PHE A 125 -14.86 14.08 -24.46
N LYS A 126 -15.25 15.35 -24.67
CA LYS A 126 -14.39 16.45 -24.26
C LYS A 126 -14.15 16.43 -22.76
N SER A 127 -15.20 16.17 -21.98
CA SER A 127 -15.05 16.14 -20.53
C SER A 127 -14.13 15.00 -20.09
N ILE A 128 -14.29 13.81 -20.69
CA ILE A 128 -13.43 12.68 -20.35
C ILE A 128 -11.98 12.98 -20.71
N TRP A 129 -11.76 13.54 -21.90
CA TRP A 129 -10.40 13.80 -22.35
C TRP A 129 -9.71 14.84 -21.46
N ASN A 130 -10.44 15.87 -21.05
CA ASN A 130 -9.89 17.00 -20.31
C ASN A 130 -10.12 16.88 -18.80
N ASN A 131 -10.09 15.67 -18.26
CA ASN A 131 -10.20 15.47 -16.83
C ASN A 131 -8.81 15.45 -16.21
N ARG A 132 -8.66 16.16 -15.09
CA ARG A 132 -7.34 16.33 -14.50
C ARG A 132 -6.77 15.00 -14.02
N TRP A 133 -7.62 14.06 -13.62
CA TRP A 133 -7.16 12.78 -13.12
C TRP A 133 -7.01 11.73 -14.21
N LEU A 134 -7.28 12.08 -15.46
CA LEU A 134 -7.16 11.18 -16.60
C LEU A 134 -6.20 11.70 -17.65
N ARG A 135 -5.25 12.55 -17.26
CA ARG A 135 -4.34 13.16 -18.23
C ARG A 135 -3.45 12.11 -18.90
N THR A 136 -3.17 11.00 -18.24
CA THR A 136 -2.31 9.96 -18.79
C THR A 136 -3.08 8.76 -19.33
N ILE A 137 -4.40 8.75 -19.21
CA ILE A 137 -5.20 7.59 -19.58
C ILE A 137 -5.68 7.77 -21.02
N SER A 138 -5.35 6.81 -21.87
CA SER A 138 -5.82 6.84 -23.25
C SER A 138 -7.31 6.51 -23.31
N VAL A 139 -7.92 6.81 -24.45
CA VAL A 139 -9.35 6.60 -24.65
C VAL A 139 -9.55 5.88 -25.97
N ILE A 140 -10.16 4.70 -25.91
CA ILE A 140 -10.64 4.01 -27.11
C ILE A 140 -12.00 4.60 -27.46
N LEU A 141 -12.33 4.60 -28.75
CA LEU A 141 -13.57 5.19 -29.23
C LEU A 141 -14.21 4.21 -30.20
N PHE A 142 -15.46 3.86 -29.93
CA PHE A 142 -16.22 2.92 -30.75
C PHE A 142 -17.44 3.64 -31.29
N LEU A 143 -17.39 4.02 -32.57
CA LEU A 143 -18.51 4.68 -33.24
C LEU A 143 -19.55 3.62 -33.62
N ASN A 144 -20.21 3.11 -32.58
CA ASN A 144 -21.12 1.99 -32.75
C ASN A 144 -22.27 2.37 -33.69
N LYS A 145 -23.00 1.35 -34.13
CA LYS A 145 -24.16 1.53 -35.00
C LYS A 145 -23.73 2.11 -36.36
N GLN A 146 -22.73 1.48 -36.97
CA GLN A 146 -22.27 1.92 -38.27
C GLN A 146 -23.26 1.55 -39.37
N ASP A 147 -23.78 0.32 -39.30
CA ASP A 147 -24.74 -0.13 -40.30
C ASP A 147 -25.96 0.76 -40.30
N LEU A 148 -26.46 1.09 -39.11
CA LEU A 148 -27.61 1.99 -39.03
C LEU A 148 -27.31 3.33 -39.67
N LEU A 149 -26.09 3.83 -39.51
CA LEU A 149 -25.69 5.06 -40.19
C LEU A 149 -25.72 4.87 -41.70
N ALA A 150 -25.20 3.76 -42.19
CA ALA A 150 -25.24 3.47 -43.63
C ALA A 150 -26.68 3.45 -44.12
N GLU A 151 -27.60 3.01 -43.28
CA GLU A 151 -29.01 2.98 -43.65
C GLU A 151 -29.73 4.30 -43.39
N LYS A 152 -29.06 5.26 -42.75
CA LYS A 152 -29.67 6.53 -42.40
C LYS A 152 -29.29 7.66 -43.35
N VAL A 153 -28.65 7.34 -44.47
CA VAL A 153 -28.26 8.35 -45.44
C VAL A 153 -27.76 7.68 -46.72
N SER A 158 -30.30 10.17 -47.00
CA SER A 158 -31.37 9.29 -47.38
C SER A 158 -32.62 10.06 -47.15
N LYS A 159 -33.38 9.70 -46.14
CA LYS A 159 -34.67 10.34 -45.94
C LYS A 159 -34.74 11.20 -44.72
N ILE A 160 -34.94 12.49 -44.92
CA ILE A 160 -35.09 13.42 -43.80
C ILE A 160 -33.86 13.42 -42.89
N GLU A 161 -32.68 13.36 -43.48
CA GLU A 161 -31.48 13.47 -42.63
C GLU A 161 -30.52 14.62 -42.86
N ASP A 162 -31.03 15.84 -42.85
CA ASP A 162 -30.09 16.94 -42.95
C ASP A 162 -29.22 16.97 -41.76
N TYR A 163 -27.93 16.97 -41.97
CA TYR A 163 -27.04 17.09 -40.82
C TYR A 163 -27.16 18.48 -40.21
N PHE A 164 -27.44 18.53 -38.92
CA PHE A 164 -27.61 19.82 -38.24
C PHE A 164 -26.35 20.67 -38.33
N PRO A 165 -25.13 20.13 -38.10
CA PRO A 165 -23.93 20.95 -38.25
C PRO A 165 -23.59 21.21 -39.71
N GLU A 166 -22.46 21.86 -39.96
CA GLU A 166 -21.98 22.06 -41.32
C GLU A 166 -21.37 20.75 -41.82
N PHE A 167 -21.76 20.36 -43.04
CA PHE A 167 -21.22 19.14 -43.64
C PHE A 167 -20.84 19.29 -45.10
N ALA A 168 -21.31 20.33 -45.82
CA ALA A 168 -20.94 20.49 -47.21
C ALA A 168 -19.45 20.78 -47.36
N ARG A 169 -18.91 21.64 -46.49
CA ARG A 169 -17.51 22.05 -46.62
C ARG A 169 -16.57 20.85 -46.63
N TYR A 170 -16.93 19.78 -45.95
CA TYR A 170 -16.02 18.65 -45.83
C TYR A 170 -15.91 17.89 -47.15
N THR A 171 -14.78 17.21 -47.32
CA THR A 171 -14.56 16.34 -48.46
C THR A 171 -13.68 15.19 -48.01
N THR A 172 -13.99 14.00 -48.52
CA THR A 172 -13.23 12.82 -48.13
C THR A 172 -11.76 13.02 -48.49
N PRO A 173 -10.82 12.67 -47.60
CA PRO A 173 -9.40 12.84 -47.94
C PRO A 173 -9.02 11.99 -49.16
N GLU A 174 -8.13 12.54 -49.98
CA GLU A 174 -7.76 11.86 -51.21
C GLU A 174 -7.16 10.49 -50.93
N ASP A 175 -6.38 10.37 -49.86
CA ASP A 175 -5.78 9.09 -49.48
C ASP A 175 -6.73 8.21 -48.67
N ALA A 176 -8.02 8.51 -48.68
CA ALA A 176 -8.98 7.68 -47.97
C ALA A 176 -8.97 6.26 -48.52
N THR A 177 -9.20 5.30 -47.64
CA THR A 177 -9.21 3.87 -47.98
C THR A 177 -10.52 3.27 -47.50
N PRO A 178 -11.64 3.65 -48.12
CA PRO A 178 -12.93 3.12 -47.70
C PRO A 178 -13.05 1.63 -47.98
N GLU A 179 -13.94 0.99 -47.22
CA GLU A 179 -14.22 -0.41 -47.45
C GLU A 179 -14.74 -0.60 -48.88
N PRO A 180 -14.41 -1.72 -49.54
CA PRO A 180 -14.95 -1.94 -50.88
C PRO A 180 -16.47 -1.89 -50.87
N GLY A 181 -17.03 -1.28 -51.91
CA GLY A 181 -18.46 -1.08 -52.00
C GLY A 181 -18.99 -0.17 -50.91
N GLU A 182 -18.33 0.95 -50.68
CA GLU A 182 -18.77 1.97 -49.72
C GLU A 182 -19.12 3.23 -50.47
N ASP A 183 -20.34 3.73 -50.26
CA ASP A 183 -20.82 4.87 -51.02
C ASP A 183 -20.07 6.14 -50.62
N PRO A 184 -19.81 7.05 -51.56
CA PRO A 184 -19.11 8.29 -51.18
C PRO A 184 -19.83 9.08 -50.09
N ARG A 185 -21.15 9.13 -50.12
CA ARG A 185 -21.88 9.81 -49.05
C ARG A 185 -21.62 9.13 -47.71
N VAL A 186 -21.67 7.80 -47.69
CA VAL A 186 -21.45 7.06 -46.45
C VAL A 186 -20.06 7.33 -45.91
N THR A 187 -19.06 7.28 -46.79
CA THR A 187 -17.68 7.42 -46.31
C THR A 187 -17.39 8.84 -45.86
N ARG A 188 -17.94 9.85 -46.57
CA ARG A 188 -17.74 11.22 -46.12
C ARG A 188 -18.41 11.45 -44.76
N ALA A 189 -19.61 10.91 -44.56
CA ALA A 189 -20.25 11.04 -43.25
C ALA A 189 -19.43 10.34 -42.17
N LYS A 190 -18.97 9.13 -42.44
CA LYS A 190 -18.22 8.36 -41.46
C LYS A 190 -16.94 9.10 -41.06
N TYR A 191 -16.17 9.53 -42.07
CA TYR A 191 -14.95 10.26 -41.77
C TYR A 191 -15.22 11.61 -41.13
N PHE A 192 -16.38 12.22 -41.38
CA PHE A 192 -16.71 13.44 -40.68
C PHE A 192 -16.91 13.19 -39.19
N ILE A 193 -17.63 12.11 -38.85
CA ILE A 193 -17.82 11.79 -37.43
C ILE A 193 -16.46 11.51 -36.78
N ARG A 194 -15.66 10.66 -37.41
CA ARG A 194 -14.34 10.36 -36.86
C ARG A 194 -13.50 11.62 -36.73
N LYS A 195 -13.59 12.52 -37.71
CA LYS A 195 -12.82 13.76 -37.68
C LYS A 195 -13.24 14.63 -36.52
N GLU A 196 -14.55 14.76 -36.29
CA GLU A 196 -15.00 15.56 -35.16
C GLU A 196 -14.43 15.02 -33.86
N PHE A 197 -14.53 13.70 -33.65
CA PHE A 197 -14.05 13.16 -32.39
C PHE A 197 -12.54 13.28 -32.25
N VAL A 198 -11.79 12.94 -33.31
CA VAL A 198 -10.34 13.03 -33.23
C VAL A 198 -9.90 14.47 -33.01
N ASP A 199 -10.54 15.42 -33.69
CA ASP A 199 -10.19 16.83 -33.52
C ASP A 199 -10.43 17.28 -32.09
N ILE A 200 -11.55 16.88 -31.50
CA ILE A 200 -11.76 17.18 -30.08
C ILE A 200 -10.65 16.55 -29.26
N SER A 201 -10.13 15.42 -29.70
CA SER A 201 -9.10 14.74 -28.92
C SER A 201 -7.73 15.40 -28.99
N THR A 202 -7.33 15.90 -30.16
CA THR A 202 -5.97 16.43 -30.31
C THR A 202 -5.84 17.88 -29.84
N ALA A 203 -6.96 18.63 -29.79
CA ALA A 203 -6.87 20.07 -29.56
C ALA A 203 -6.19 20.41 -28.24
N SER A 204 -6.23 19.52 -27.25
CA SER A 204 -5.70 19.85 -25.93
C SER A 204 -4.69 18.81 -25.45
N GLY A 205 -4.84 17.56 -25.88
CA GLY A 205 -3.92 16.51 -25.45
C GLY A 205 -2.49 16.79 -25.85
N ASP A 206 -1.60 16.85 -24.87
CA ASP A 206 -0.19 17.14 -25.13
C ASP A 206 0.62 15.86 -25.32
N GLY A 207 0.15 14.99 -26.20
CA GLY A 207 0.84 13.76 -26.53
C GLY A 207 0.92 12.73 -25.43
N ARG A 208 0.47 13.06 -24.21
CA ARG A 208 0.54 12.09 -23.12
C ARG A 208 -0.44 10.94 -23.36
N HIS A 209 -1.63 11.25 -23.87
CA HIS A 209 -2.65 10.25 -24.18
C HIS A 209 -3.24 10.55 -25.54
N ILE A 210 -3.62 9.49 -26.26
CA ILE A 210 -4.05 9.59 -27.65
C ILE A 210 -5.27 8.70 -27.85
N CYS A 211 -6.21 9.16 -28.67
CA CYS A 211 -7.40 8.39 -28.98
C CYS A 211 -7.09 7.34 -30.04
N TYR A 212 -8.01 6.39 -30.18
CA TYR A 212 -7.86 5.29 -31.13
C TYR A 212 -9.23 4.97 -31.71
N PRO A 213 -9.66 5.71 -32.73
CA PRO A 213 -11.03 5.53 -33.24
C PRO A 213 -11.24 4.15 -33.84
N HIS A 214 -12.47 3.68 -33.74
CA HIS A 214 -12.90 2.44 -34.41
C HIS A 214 -14.37 2.57 -34.76
N PHE A 215 -14.78 1.83 -35.78
CA PHE A 215 -16.16 1.75 -36.22
C PHE A 215 -16.66 0.34 -36.02
N THR A 216 -17.75 0.19 -35.28
CA THR A 216 -18.26 -1.13 -34.91
C THR A 216 -19.76 -1.20 -35.15
N CYS A 217 -20.23 -2.41 -35.43
CA CYS A 217 -21.64 -2.70 -35.57
C CYS A 217 -22.05 -3.73 -34.53
N ALA A 218 -23.35 -3.88 -34.34
CA ALA A 218 -23.84 -4.85 -33.35
C ALA A 218 -23.34 -6.25 -33.67
N VAL A 219 -23.29 -6.60 -34.95
CA VAL A 219 -22.86 -7.94 -35.34
C VAL A 219 -21.35 -8.12 -35.31
N ASP A 220 -20.59 -7.05 -35.10
CA ASP A 220 -19.14 -7.14 -35.14
C ASP A 220 -18.65 -8.07 -34.05
N THR A 221 -17.58 -8.81 -34.34
CA THR A 221 -16.99 -9.76 -33.42
C THR A 221 -15.50 -9.56 -33.26
N GLU A 222 -14.90 -8.60 -33.96
CA GLU A 222 -13.47 -8.36 -33.95
C GLU A 222 -13.06 -7.36 -32.87
N ASN A 223 -14.00 -6.92 -32.03
CA ASN A 223 -13.73 -5.82 -31.11
C ASN A 223 -12.64 -6.18 -30.10
N ALA A 224 -12.61 -7.44 -29.65
CA ALA A 224 -11.61 -7.84 -28.67
C ALA A 224 -10.21 -7.65 -29.23
N ARG A 225 -10.00 -8.02 -30.49
CA ARG A 225 -8.70 -7.81 -31.13
C ARG A 225 -8.34 -6.33 -31.18
N ARG A 226 -9.32 -5.48 -31.49
CA ARG A 226 -9.07 -4.05 -31.56
C ARG A 226 -8.64 -3.51 -30.20
N ILE A 227 -9.33 -3.92 -29.15
CA ILE A 227 -8.97 -3.46 -27.81
C ILE A 227 -7.58 -3.96 -27.43
N PHE A 228 -7.26 -5.20 -27.80
CA PHE A 228 -5.93 -5.73 -27.52
C PHE A 228 -4.85 -4.93 -28.21
N ASN A 229 -5.07 -4.60 -29.50
CA ASN A 229 -4.07 -3.83 -30.24
C ASN A 229 -3.90 -2.44 -29.63
N ASP A 230 -5.01 -1.79 -29.30
CA ASP A 230 -4.93 -0.48 -28.67
C ASP A 230 -4.16 -0.55 -27.36
N CYS A 231 -4.42 -1.57 -26.55
CA CYS A 231 -3.74 -1.69 -25.27
C CYS A 231 -2.24 -1.92 -25.46
N LYS A 232 -1.87 -2.74 -26.44
CA LYS A 232 -0.46 -2.95 -26.74
C LYS A 232 0.21 -1.65 -27.13
N ASP A 233 -0.45 -0.86 -27.98
CA ASP A 233 0.14 0.42 -28.39
C ASP A 233 0.25 1.37 -27.21
N ILE A 234 -0.76 1.39 -26.34
CA ILE A 234 -0.74 2.28 -25.18
C ILE A 234 0.44 1.93 -24.27
N ILE A 235 0.61 0.64 -23.98
CA ILE A 235 1.70 0.22 -23.12
C ILE A 235 3.05 0.50 -23.79
N LEU A 236 3.11 0.34 -25.12
CA LEU A 236 4.33 0.63 -25.83
C LEU A 236 4.73 2.10 -25.66
N GLN A 237 3.78 3.02 -25.85
CA GLN A 237 4.12 4.43 -25.73
C GLN A 237 4.41 4.81 -24.28
N MET A 238 3.74 4.16 -23.33
CA MET A 238 4.09 4.39 -21.93
C MET A 238 5.53 3.99 -21.67
N ASN A 239 5.96 2.84 -22.21
CA ASN A 239 7.35 2.42 -22.03
C ASN A 239 8.31 3.38 -22.72
N LEU A 240 7.97 3.83 -23.93
CA LEU A 240 8.81 4.83 -24.60
C LEU A 240 9.00 6.07 -23.72
N ARG A 241 7.90 6.57 -23.15
CA ARG A 241 8.02 7.74 -22.28
C ARG A 241 8.87 7.42 -21.06
N GLU A 242 8.69 6.23 -20.48
CA GLU A 242 9.44 5.88 -19.27
C GLU A 242 10.93 5.83 -19.54
N TYR A 243 11.33 5.30 -20.70
CA TYR A 243 12.73 5.11 -21.01
C TYR A 243 13.33 6.25 -21.82
N ASN A 244 12.57 7.32 -22.08
CA ASN A 244 13.06 8.45 -22.87
C ASN A 244 13.60 7.98 -24.22
N LEU A 245 12.85 7.08 -24.86
CA LEU A 245 13.24 6.50 -26.14
C LEU A 245 12.19 6.79 -27.20
N GLU B 7 -46.87 30.10 -10.03
CA GLU B 7 -46.29 31.25 -9.35
C GLU B 7 -44.80 31.04 -9.11
N LEU B 8 -44.07 30.73 -10.19
CA LEU B 8 -42.63 30.51 -10.07
C LEU B 8 -41.93 31.78 -9.63
N ASP B 9 -42.35 32.94 -10.16
CA ASP B 9 -41.70 34.20 -9.80
C ASP B 9 -41.86 34.49 -8.31
N GLN B 10 -43.05 34.23 -7.75
CA GLN B 10 -43.26 34.48 -6.33
C GLN B 10 -42.34 33.61 -5.48
N LEU B 11 -42.23 32.33 -5.82
CA LEU B 11 -41.35 31.44 -5.06
C LEU B 11 -39.90 31.87 -5.19
N ARG B 12 -39.47 32.26 -6.39
CA ARG B 12 -38.10 32.71 -6.56
C ARG B 12 -37.82 33.97 -5.74
N GLN B 13 -38.76 34.91 -5.74
CA GLN B 13 -38.58 36.12 -4.94
C GLN B 13 -38.54 35.81 -3.45
N GLU B 14 -39.38 34.88 -3.00
CA GLU B 14 -39.35 34.48 -1.60
C GLU B 14 -38.01 33.85 -1.24
N ALA B 15 -37.49 32.99 -2.10
CA ALA B 15 -36.19 32.38 -1.85
C ALA B 15 -35.09 33.43 -1.82
N GLU B 16 -35.14 34.39 -2.74
CA GLU B 16 -34.14 35.45 -2.75
C GLU B 16 -34.21 36.28 -1.47
N GLN B 17 -35.42 36.59 -1.02
CA GLN B 17 -35.59 37.34 0.23
C GLN B 17 -35.03 36.57 1.40
N LEU B 18 -35.32 35.27 1.47
CA LEU B 18 -34.78 34.45 2.56
C LEU B 18 -33.26 34.43 2.54
N LYS B 19 -32.68 34.27 1.36
CA LYS B 19 -31.22 34.24 1.25
C LYS B 19 -30.62 35.59 1.66
N ASN B 20 -31.24 36.69 1.23
CA ASN B 20 -30.75 38.01 1.60
C ASN B 20 -30.83 38.22 3.10
N GLN B 21 -31.94 37.80 3.72
CA GLN B 21 -32.06 37.94 5.17
C GLN B 21 -31.00 37.10 5.89
N ILE B 22 -30.76 35.88 5.40
CA ILE B 22 -29.74 35.03 6.01
C ILE B 22 -28.36 35.68 5.90
N ARG B 23 -28.04 36.22 4.73
CA ARG B 23 -26.74 36.86 4.54
C ARG B 23 -26.60 38.08 5.44
N ASP B 24 -27.67 38.88 5.55
CA ASP B 24 -27.62 40.06 6.41
C ASP B 24 -27.42 39.67 7.87
N ALA B 25 -28.12 38.62 8.32
CA ALA B 25 -27.93 38.15 9.69
C ALA B 25 -26.50 37.65 9.89
N ARG B 26 -25.97 36.93 8.90
CA ARG B 26 -24.59 36.45 8.99
C ARG B 26 -23.61 37.61 9.12
N LYS B 27 -23.80 38.67 8.33
CA LYS B 27 -22.95 39.84 8.45
C LYS B 27 -23.11 40.50 9.82
N ALA B 28 -24.35 40.64 10.29
CA ALA B 28 -24.59 41.33 11.54
C ALA B 28 -23.94 40.59 12.71
N CYS B 29 -24.02 39.27 12.72
CA CYS B 29 -23.46 38.50 13.84
C CYS B 29 -21.94 38.50 13.86
N ALA B 30 -21.29 39.00 12.81
CA ALA B 30 -19.83 38.98 12.71
C ALA B 30 -19.29 40.36 13.03
N ASP B 31 -19.04 40.59 14.32
CA ASP B 31 -18.37 41.81 14.76
C ASP B 31 -16.85 41.67 14.80
N ALA B 32 -16.32 40.47 14.56
CA ALA B 32 -14.88 40.25 14.61
C ALA B 32 -14.56 39.00 13.79
N THR B 33 -13.29 38.89 13.42
CA THR B 33 -12.78 37.70 12.74
C THR B 33 -11.83 36.98 13.69
N LEU B 34 -12.01 35.67 13.83
CA LEU B 34 -11.23 34.91 14.79
C LEU B 34 -9.74 35.04 14.55
N SER B 35 -9.32 35.33 13.31
CA SER B 35 -7.91 35.58 13.05
C SER B 35 -7.42 36.77 13.88
N GLN B 36 -8.23 37.83 13.96
CA GLN B 36 -7.86 38.97 14.80
C GLN B 36 -7.79 38.57 16.26
N ILE B 37 -8.76 37.79 16.74
CA ILE B 37 -8.79 37.42 18.15
C ILE B 37 -7.59 36.53 18.48
N THR B 38 -7.10 35.78 17.50
CA THR B 38 -5.94 34.93 17.68
C THR B 38 -4.62 35.68 17.50
N ASN B 39 -4.64 37.01 17.57
CA ASN B 39 -3.43 37.81 17.44
C ASN B 39 -2.70 37.98 18.77
N ASN B 40 -3.30 37.54 19.88
CA ASN B 40 -2.70 37.65 21.21
C ASN B 40 -2.53 36.27 21.84
N ILE B 41 -2.19 35.28 21.02
CA ILE B 41 -2.02 33.91 21.47
C ILE B 41 -0.64 33.43 21.04
N ASP B 42 0.05 32.73 21.93
CA ASP B 42 1.40 32.29 21.61
C ASP B 42 1.39 31.27 20.50
N PRO B 43 2.48 31.19 19.73
CA PRO B 43 2.49 30.27 18.59
C PRO B 43 2.75 28.84 19.01
N VAL B 44 2.87 27.95 18.04
CA VAL B 44 3.19 26.55 18.31
C VAL B 44 4.55 26.14 17.74
N GLY B 45 5.11 26.88 16.81
CA GLY B 45 6.43 26.58 16.30
C GLY B 45 6.45 25.42 15.34
N ARG B 46 7.65 25.01 14.97
CA ARG B 46 7.86 23.92 14.04
C ARG B 46 7.59 22.60 14.75
N ILE B 47 6.58 21.87 14.28
CA ILE B 47 6.23 20.56 14.84
C ILE B 47 6.84 19.53 13.89
N GLN B 48 8.06 19.12 14.20
CA GLN B 48 8.74 18.09 13.41
C GLN B 48 8.27 16.72 13.89
N MET B 49 7.51 16.03 13.04
CA MET B 49 7.04 14.69 13.32
C MET B 49 7.80 13.69 12.46
N ARG B 50 8.05 12.51 13.02
CA ARG B 50 8.80 11.47 12.34
C ARG B 50 7.94 10.23 12.16
N THR B 51 8.29 9.44 11.15
CA THR B 51 7.57 8.21 10.81
C THR B 51 7.94 7.14 11.82
N ARG B 52 7.27 7.15 12.98
CA ARG B 52 7.59 6.20 14.03
C ARG B 52 7.35 4.77 13.57
N ARG B 53 6.23 4.53 12.89
CA ARG B 53 5.92 3.23 12.32
C ARG B 53 5.47 3.39 10.88
N THR B 54 5.80 2.40 10.06
CA THR B 54 5.40 2.37 8.65
C THR B 54 4.77 1.01 8.39
N LEU B 55 3.47 1.01 8.09
CA LEU B 55 2.72 -0.21 7.86
C LEU B 55 2.70 -0.49 6.36
N ARG B 56 3.17 -1.68 5.97
CA ARG B 56 3.43 -1.98 4.57
C ARG B 56 2.55 -3.10 4.04
N GLY B 57 1.39 -3.33 4.66
CA GLY B 57 0.57 -4.46 4.27
C GLY B 57 -0.06 -4.30 2.89
N HIS B 58 -0.55 -3.11 2.58
CA HIS B 58 -1.39 -2.94 1.41
C HIS B 58 -0.60 -2.97 0.12
N LEU B 59 -1.33 -3.18 -0.98
CA LEU B 59 -0.78 -3.32 -2.32
C LEU B 59 -1.21 -2.19 -3.23
N ALA B 60 -2.51 -1.93 -3.32
CA ALA B 60 -3.05 -0.84 -4.12
C ALA B 60 -3.17 0.40 -3.25
N LYS B 61 -3.87 1.41 -3.74
CA LYS B 61 -4.00 2.66 -3.01
C LYS B 61 -4.91 2.48 -1.79
N ILE B 62 -4.74 3.38 -0.83
CA ILE B 62 -5.53 3.41 0.39
C ILE B 62 -6.54 4.54 0.28
N TYR B 63 -7.81 4.25 0.53
CA TYR B 63 -8.88 5.22 0.35
C TYR B 63 -9.37 5.83 1.66
N ALA B 64 -9.42 5.05 2.74
CA ALA B 64 -9.90 5.57 4.01
C ALA B 64 -9.40 4.69 5.14
N MET B 65 -9.44 5.25 6.35
CA MET B 65 -9.04 4.51 7.52
C MET B 65 -9.67 5.17 8.73
N HIS B 66 -9.75 4.46 9.86
CA HIS B 66 -10.35 4.97 11.07
C HIS B 66 -9.55 4.47 12.26
N TRP B 67 -9.63 5.22 13.36
CA TRP B 67 -8.90 4.91 14.59
C TRP B 67 -9.83 4.25 15.59
N GLY B 68 -9.32 3.26 16.30
CA GLY B 68 -10.09 2.60 17.33
C GLY B 68 -10.29 3.47 18.55
N THR B 69 -11.24 3.06 19.38
CA THR B 69 -11.56 3.82 20.59
C THR B 69 -10.44 3.74 21.62
N ASP B 70 -9.58 2.74 21.54
CA ASP B 70 -8.47 2.58 22.47
C ASP B 70 -7.17 3.18 21.97
N SER B 71 -7.19 3.86 20.82
CA SER B 71 -6.00 4.47 20.25
C SER B 71 -4.92 3.44 19.95
N ARG B 72 -5.31 2.20 19.71
CA ARG B 72 -4.35 1.15 19.42
C ARG B 72 -4.68 0.37 18.16
N LEU B 73 -5.96 0.21 17.82
CA LEU B 73 -6.36 -0.56 16.66
C LEU B 73 -6.71 0.36 15.51
N LEU B 74 -6.20 0.00 14.33
CA LEU B 74 -6.42 0.81 13.15
C LEU B 74 -7.08 -0.02 12.09
N VAL B 75 -7.99 0.54 11.33
CA VAL B 75 -8.68 -0.11 10.22
C VAL B 75 -8.47 0.72 8.96
N SER B 76 -8.03 0.08 7.89
CA SER B 76 -7.72 0.74 6.63
C SER B 76 -8.36 -0.01 5.47
N ALA B 77 -8.84 0.74 4.48
CA ALA B 77 -9.47 0.18 3.29
C ALA B 77 -8.69 0.60 2.05
N SER B 78 -8.33 -0.38 1.23
CA SER B 78 -7.58 -0.11 0.02
C SER B 78 -8.31 -0.67 -1.18
N GLN B 79 -7.91 -0.24 -2.36
CA GLN B 79 -8.59 -0.65 -3.59
C GLN B 79 -8.30 -2.10 -3.96
N ASP B 80 -7.47 -2.78 -3.18
CA ASP B 80 -7.19 -4.19 -3.42
C ASP B 80 -8.28 -5.09 -2.80
N GLY B 81 -9.38 -4.49 -2.34
CA GLY B 81 -10.44 -5.27 -1.72
C GLY B 81 -10.02 -5.94 -0.43
N LYS B 82 -9.28 -5.23 0.42
CA LYS B 82 -8.78 -5.79 1.67
C LYS B 82 -8.90 -4.74 2.76
N LEU B 83 -9.60 -5.08 3.83
CA LEU B 83 -9.62 -4.29 5.06
C LEU B 83 -8.68 -4.93 6.07
N ILE B 84 -7.74 -4.15 6.58
CA ILE B 84 -6.75 -4.65 7.54
C ILE B 84 -6.94 -3.89 8.85
N ILE B 85 -7.06 -4.63 9.94
CA ILE B 85 -7.15 -4.06 11.28
C ILE B 85 -5.75 -4.18 11.89
N TRP B 86 -5.01 -3.09 11.87
CA TRP B 86 -3.61 -3.10 12.29
C TRP B 86 -3.49 -3.05 13.81
N ASP B 87 -2.26 -2.86 14.27
CA ASP B 87 -1.96 -2.56 15.67
C ASP B 87 -0.80 -1.58 15.64
N SER B 88 -1.07 -0.33 16.05
CA SER B 88 -0.07 0.71 15.92
C SER B 88 1.12 0.48 16.84
N TYR B 89 0.91 -0.19 17.98
CA TYR B 89 1.99 -0.33 18.95
C TYR B 89 3.02 -1.37 18.53
N THR B 90 2.65 -2.32 17.67
CA THR B 90 3.56 -3.39 17.27
C THR B 90 3.53 -3.65 15.78
N THR B 91 2.96 -2.73 14.99
CA THR B 91 2.95 -2.81 13.53
C THR B 91 2.65 -4.21 13.03
N ASN B 92 1.79 -4.95 13.73
CA ASN B 92 1.41 -6.30 13.35
C ASN B 92 -0.09 -6.36 13.13
N LYS B 93 -0.50 -7.02 12.06
CA LYS B 93 -1.89 -7.08 11.68
C LYS B 93 -2.68 -8.01 12.59
N VAL B 94 -3.97 -7.73 12.71
CA VAL B 94 -4.89 -8.53 13.50
C VAL B 94 -5.84 -9.31 12.60
N HIS B 95 -6.58 -8.62 11.74
CA HIS B 95 -7.49 -9.23 10.78
C HIS B 95 -7.20 -8.66 9.39
N ALA B 96 -7.58 -9.45 8.38
CA ALA B 96 -7.52 -9.03 6.99
C ALA B 96 -8.87 -9.38 6.38
N ILE B 97 -9.82 -8.46 6.47
CA ILE B 97 -11.19 -8.70 6.03
C ILE B 97 -11.23 -8.64 4.51
N PRO B 98 -11.65 -9.69 3.82
CA PRO B 98 -11.82 -9.60 2.37
C PRO B 98 -13.06 -8.78 2.02
N LEU B 99 -13.06 -8.26 0.81
CA LEU B 99 -14.13 -7.39 0.33
C LEU B 99 -14.80 -8.00 -0.89
N ARG B 100 -16.13 -7.98 -0.90
CA ARG B 100 -16.87 -8.42 -2.08
C ARG B 100 -16.63 -7.47 -3.25
N SER B 101 -16.67 -6.16 -2.98
CA SER B 101 -16.45 -5.15 -4.00
C SER B 101 -15.07 -4.54 -3.79
N SER B 102 -14.19 -4.70 -4.79
CA SER B 102 -12.84 -4.18 -4.67
C SER B 102 -12.81 -2.67 -4.54
N TRP B 103 -13.88 -1.98 -4.90
CA TRP B 103 -13.92 -0.52 -4.86
C TRP B 103 -14.44 -0.08 -3.51
N VAL B 104 -13.58 0.60 -2.74
CA VAL B 104 -13.90 1.01 -1.38
C VAL B 104 -13.55 2.48 -1.22
N MET B 105 -14.44 3.23 -0.59
CA MET B 105 -14.25 4.66 -0.36
C MET B 105 -14.53 5.06 1.07
N THR B 106 -14.83 4.12 1.95
CA THR B 106 -15.13 4.44 3.35
C THR B 106 -14.80 3.24 4.20
N CYS B 107 -14.51 3.50 5.47
CA CYS B 107 -14.24 2.44 6.43
C CYS B 107 -14.45 2.99 7.83
N ALA B 108 -15.13 2.21 8.68
CA ALA B 108 -15.49 2.65 10.01
C ALA B 108 -15.14 1.56 11.03
N TYR B 109 -14.90 1.99 12.27
CA TYR B 109 -14.57 1.08 13.35
C TYR B 109 -15.55 1.35 14.48
N ALA B 110 -16.23 0.31 14.96
CA ALA B 110 -17.31 0.51 15.92
C ALA B 110 -16.76 1.11 17.21
N PRO B 111 -17.56 1.92 17.90
CA PRO B 111 -17.07 2.52 19.16
C PRO B 111 -16.74 1.49 20.21
N SER B 112 -17.43 0.36 20.20
CA SER B 112 -17.22 -0.68 21.19
C SER B 112 -16.19 -1.72 20.73
N GLY B 113 -15.58 -1.50 19.58
CA GLY B 113 -14.61 -2.42 19.04
C GLY B 113 -15.18 -3.70 18.48
N ASN B 114 -16.50 -3.84 18.45
CA ASN B 114 -17.11 -5.09 18.02
C ASN B 114 -17.21 -5.20 16.51
N TYR B 115 -17.57 -4.12 15.82
CA TYR B 115 -17.89 -4.15 14.40
C TYR B 115 -16.94 -3.27 13.61
N VAL B 116 -17.02 -3.42 12.28
CA VAL B 116 -16.27 -2.60 11.34
C VAL B 116 -17.06 -2.56 10.04
N ALA B 117 -17.21 -1.36 9.47
CA ALA B 117 -18.03 -1.17 8.28
C ALA B 117 -17.16 -0.75 7.09
N CYS B 118 -17.62 -1.12 5.89
CA CYS B 118 -16.97 -0.72 4.66
C CYS B 118 -17.98 -0.08 3.72
N GLY B 119 -17.60 0.15 2.47
CA GLY B 119 -18.51 0.69 1.49
C GLY B 119 -17.77 1.26 0.31
N GLY B 120 -18.50 1.40 -0.79
CA GLY B 120 -17.92 1.94 -2.01
C GLY B 120 -18.90 2.08 -3.15
N LEU B 121 -18.42 1.88 -4.38
CA LEU B 121 -19.27 2.01 -5.56
C LEU B 121 -20.31 0.90 -5.66
N ASP B 122 -20.20 -0.15 -4.83
CA ASP B 122 -21.14 -1.26 -4.89
C ASP B 122 -22.54 -0.87 -4.42
N ASN B 123 -22.71 0.37 -3.93
CA ASN B 123 -24.03 0.88 -3.47
C ASN B 123 -24.53 0.17 -2.23
N ILE B 124 -23.61 -0.39 -1.46
CA ILE B 124 -23.99 -1.16 -0.28
C ILE B 124 -22.95 -0.96 0.81
N CYS B 125 -23.42 -0.87 2.06
CA CYS B 125 -22.56 -0.80 3.23
C CYS B 125 -22.58 -2.17 3.92
N SER B 126 -21.40 -2.74 4.11
CA SER B 126 -21.27 -4.05 4.73
C SER B 126 -20.79 -3.88 6.17
N ILE B 127 -21.53 -4.45 7.11
CA ILE B 127 -21.20 -4.38 8.52
C ILE B 127 -20.59 -5.72 8.92
N TYR B 128 -19.30 -5.71 9.20
CA TYR B 128 -18.60 -6.93 9.60
C TYR B 128 -18.61 -7.09 11.11
N ASN B 129 -18.46 -8.34 11.54
CA ASN B 129 -18.48 -8.69 12.96
C ASN B 129 -17.11 -9.21 13.35
N LEU B 130 -16.47 -8.55 14.32
CA LEU B 130 -15.14 -8.91 14.74
C LEU B 130 -15.13 -9.89 15.92
N LYS B 131 -16.00 -9.68 16.90
CA LYS B 131 -16.08 -10.55 18.07
C LYS B 131 -17.03 -11.71 17.76
N THR B 132 -16.58 -12.55 16.84
CA THR B 132 -17.34 -13.73 16.42
C THR B 132 -16.85 -14.96 17.18
N ARG B 133 -17.80 -15.80 17.59
CA ARG B 133 -17.45 -17.00 18.33
C ARG B 133 -16.70 -18.02 17.48
N GLU B 134 -16.81 -17.93 16.16
CA GLU B 134 -16.25 -18.93 15.25
C GLU B 134 -14.86 -18.55 14.74
N GLY B 135 -14.31 -17.41 15.15
CA GLY B 135 -12.95 -17.08 14.82
C GLY B 135 -12.73 -16.52 13.42
N ASN B 136 -13.79 -16.13 12.72
CA ASN B 136 -13.66 -15.55 11.38
C ASN B 136 -14.66 -14.42 11.24
N VAL B 137 -14.16 -13.22 10.94
CA VAL B 137 -15.03 -12.08 10.75
C VAL B 137 -16.02 -12.38 9.63
N ARG B 138 -17.29 -12.09 9.87
CA ARG B 138 -18.36 -12.38 8.92
C ARG B 138 -19.22 -11.15 8.72
N VAL B 139 -19.81 -11.04 7.54
CA VAL B 139 -20.67 -9.91 7.19
C VAL B 139 -22.00 -10.06 7.92
N SER B 140 -22.18 -9.32 9.00
CA SER B 140 -23.41 -9.42 9.77
C SER B 140 -24.62 -9.03 8.92
N ARG B 141 -24.50 -7.95 8.15
CA ARG B 141 -25.58 -7.54 7.28
C ARG B 141 -25.03 -6.62 6.19
N GLU B 142 -25.79 -6.50 5.11
CA GLU B 142 -25.46 -5.62 4.00
C GLU B 142 -26.58 -4.59 3.86
N LEU B 143 -26.24 -3.32 4.00
CA LEU B 143 -27.20 -2.23 3.89
C LEU B 143 -27.26 -1.80 2.44
N ALA B 144 -28.33 -2.19 1.75
CA ALA B 144 -28.41 -2.12 0.29
C ALA B 144 -29.64 -1.36 -0.16
N GLY B 145 -29.86 -0.19 0.42
CA GLY B 145 -31.00 0.64 0.04
C GLY B 145 -30.63 1.84 -0.80
N HIS B 146 -29.33 2.10 -0.97
CA HIS B 146 -28.89 3.30 -1.65
C HIS B 146 -28.93 3.14 -3.17
N THR B 147 -29.04 4.27 -3.86
CA THR B 147 -29.02 4.32 -5.31
C THR B 147 -27.71 4.87 -5.87
N GLY B 148 -26.87 5.46 -5.03
CA GLY B 148 -25.61 6.03 -5.48
C GLY B 148 -24.43 5.34 -4.85
N TYR B 149 -23.27 5.99 -4.84
CA TYR B 149 -22.05 5.40 -4.31
C TYR B 149 -21.72 5.96 -2.94
N LEU B 150 -21.44 5.07 -2.01
CA LEU B 150 -21.13 5.46 -0.64
C LEU B 150 -19.78 6.15 -0.57
N SER B 151 -19.66 7.11 0.35
CA SER B 151 -18.44 7.88 0.52
C SER B 151 -17.96 7.97 1.96
N CYS B 152 -18.80 7.68 2.95
CA CYS B 152 -18.36 7.73 4.34
C CYS B 152 -19.37 7.02 5.21
N CYS B 153 -18.88 6.14 6.09
CA CYS B 153 -19.69 5.43 7.07
C CYS B 153 -19.09 5.69 8.45
N ARG B 154 -19.95 5.98 9.42
CA ARG B 154 -19.48 6.28 10.78
C ARG B 154 -20.51 5.77 11.78
N PHE B 155 -20.09 4.88 12.67
CA PHE B 155 -21.00 4.27 13.62
C PHE B 155 -21.43 5.26 14.68
N LEU B 156 -22.69 5.16 15.08
CA LEU B 156 -23.19 5.83 16.29
C LEU B 156 -23.12 4.89 17.49
N ASP B 157 -23.60 3.67 17.32
CA ASP B 157 -23.48 2.63 18.33
C ASP B 157 -23.40 1.30 17.58
N ASP B 158 -23.62 0.19 18.29
CA ASP B 158 -23.60 -1.12 17.65
C ASP B 158 -24.90 -1.45 16.93
N ASN B 159 -25.78 -0.46 16.72
CA ASN B 159 -27.05 -0.71 16.07
C ASN B 159 -27.45 0.34 15.04
N GLN B 160 -26.64 1.37 14.81
CA GLN B 160 -26.99 2.41 13.85
C GLN B 160 -25.74 2.96 13.18
N ILE B 161 -25.74 2.99 11.85
CA ILE B 161 -24.63 3.49 11.06
C ILE B 161 -25.15 4.52 10.07
N VAL B 162 -24.42 5.63 9.93
CA VAL B 162 -24.78 6.70 9.01
C VAL B 162 -23.98 6.53 7.74
N THR B 163 -24.59 6.86 6.60
CA THR B 163 -23.99 6.65 5.29
C THR B 163 -24.16 7.89 4.43
N SER B 164 -23.08 8.28 3.76
CA SER B 164 -23.10 9.36 2.77
C SER B 164 -22.93 8.72 1.40
N SER B 165 -23.91 8.95 0.51
CA SER B 165 -23.94 8.32 -0.80
C SER B 165 -24.04 9.39 -1.87
N GLY B 166 -23.31 9.21 -2.97
CA GLY B 166 -23.32 10.17 -4.06
C GLY B 166 -24.68 10.42 -4.67
N ASP B 167 -25.70 9.68 -4.26
CA ASP B 167 -27.06 9.93 -4.71
C ASP B 167 -27.67 11.19 -4.09
N THR B 168 -26.89 12.00 -3.38
CA THR B 168 -27.32 13.25 -2.79
C THR B 168 -28.17 13.03 -1.54
N THR B 169 -28.07 11.87 -0.90
CA THR B 169 -28.85 11.58 0.30
C THR B 169 -27.98 10.86 1.32
N CYS B 170 -28.10 11.28 2.58
CA CYS B 170 -27.53 10.57 3.71
C CYS B 170 -28.67 9.94 4.51
N ALA B 171 -28.42 8.77 5.08
CA ALA B 171 -29.48 8.02 5.72
C ALA B 171 -28.93 7.24 6.89
N LEU B 172 -29.46 7.51 8.08
CA LEU B 172 -29.13 6.71 9.26
C LEU B 172 -29.80 5.35 9.13
N TRP B 173 -29.06 4.30 9.48
CA TRP B 173 -29.51 2.92 9.29
C TRP B 173 -29.78 2.26 10.64
N ASP B 174 -30.41 1.09 10.57
CA ASP B 174 -30.56 0.19 11.71
C ASP B 174 -29.99 -1.16 11.32
N ILE B 175 -28.96 -1.58 12.02
CA ILE B 175 -28.21 -2.78 11.62
C ILE B 175 -29.12 -4.00 11.66
N GLU B 176 -29.90 -4.15 12.74
CA GLU B 176 -30.66 -5.37 12.94
C GLU B 176 -31.67 -5.60 11.82
N THR B 177 -32.50 -4.59 11.54
CA THR B 177 -33.49 -4.71 10.49
C THR B 177 -32.94 -4.44 9.10
N GLY B 178 -31.71 -3.94 9.00
CA GLY B 178 -31.13 -3.65 7.70
C GLY B 178 -31.95 -2.66 6.88
N GLN B 179 -32.74 -1.82 7.54
CA GLN B 179 -33.62 -0.88 6.89
C GLN B 179 -33.15 0.54 7.14
N GLN B 180 -33.45 1.43 6.19
CA GLN B 180 -33.16 2.85 6.36
C GLN B 180 -34.13 3.42 7.39
N THR B 181 -33.67 3.55 8.63
CA THR B 181 -34.52 4.11 9.67
C THR B 181 -34.87 5.55 9.38
N THR B 182 -33.91 6.34 8.91
CA THR B 182 -34.13 7.74 8.58
C THR B 182 -33.44 8.05 7.26
N THR B 183 -33.98 9.01 6.53
CA THR B 183 -33.45 9.42 5.24
C THR B 183 -33.30 10.93 5.21
N PHE B 184 -32.12 11.39 4.80
CA PHE B 184 -31.85 12.81 4.65
C PHE B 184 -31.78 13.12 3.16
N THR B 185 -32.62 14.04 2.70
CA THR B 185 -32.86 14.28 1.28
C THR B 185 -32.80 15.76 0.96
N GLY B 186 -31.76 16.43 1.43
CA GLY B 186 -31.63 17.86 1.23
C GLY B 186 -30.68 18.27 0.12
N HIS B 187 -29.54 17.59 0.02
CA HIS B 187 -28.47 18.05 -0.84
C HIS B 187 -28.87 17.97 -2.32
N THR B 188 -28.13 18.71 -3.14
CA THR B 188 -28.33 18.76 -4.59
C THR B 188 -27.08 18.31 -5.32
N GLY B 189 -26.44 17.27 -4.82
CA GLY B 189 -25.22 16.75 -5.43
C GLY B 189 -24.61 15.69 -4.55
N ASP B 190 -23.56 15.08 -5.07
CA ASP B 190 -22.91 13.98 -4.38
C ASP B 190 -22.36 14.44 -3.03
N VAL B 191 -22.69 13.68 -1.98
CA VAL B 191 -22.13 13.91 -0.66
C VAL B 191 -20.90 13.03 -0.50
N MET B 192 -19.79 13.63 -0.05
CA MET B 192 -18.50 12.97 -0.08
C MET B 192 -17.96 12.57 1.28
N SER B 193 -18.39 13.22 2.36
CA SER B 193 -17.88 12.86 3.68
C SER B 193 -18.82 13.37 4.76
N LEU B 194 -18.72 12.72 5.92
CA LEU B 194 -19.47 13.15 7.11
C LEU B 194 -18.62 12.88 8.33
N SER B 195 -18.94 13.59 9.42
CA SER B 195 -18.24 13.42 10.68
C SER B 195 -19.25 13.48 11.81
N LEU B 196 -19.10 12.59 12.78
CA LEU B 196 -20.05 12.45 13.87
C LEU B 196 -19.68 13.35 15.03
N ALA B 197 -20.69 13.96 15.63
CA ALA B 197 -20.46 14.81 16.79
C ALA B 197 -20.24 13.96 18.04
N PRO B 198 -19.45 14.44 19.00
CA PRO B 198 -19.25 13.66 20.23
C PRO B 198 -20.55 13.32 20.95
N ASP B 199 -21.52 14.24 20.96
CA ASP B 199 -22.80 13.94 21.59
C ASP B 199 -23.56 12.85 20.84
N THR B 200 -23.18 12.57 19.59
CA THR B 200 -23.79 11.55 18.74
C THR B 200 -25.25 11.88 18.40
N ARG B 201 -25.73 13.05 18.78
CA ARG B 201 -27.05 13.51 18.36
C ARG B 201 -27.01 14.37 17.10
N LEU B 202 -25.83 14.57 16.52
CA LEU B 202 -25.68 15.43 15.36
C LEU B 202 -24.57 14.88 14.47
N PHE B 203 -24.61 15.27 13.20
CA PHE B 203 -23.55 14.94 12.28
C PHE B 203 -23.65 15.84 11.06
N VAL B 204 -22.51 16.12 10.45
CA VAL B 204 -22.43 17.02 9.32
C VAL B 204 -22.06 16.24 8.07
N SER B 205 -22.39 16.81 6.92
CA SER B 205 -22.07 16.17 5.64
C SER B 205 -21.86 17.26 4.60
N GLY B 206 -20.68 17.27 3.98
CA GLY B 206 -20.35 18.22 2.92
C GLY B 206 -20.36 17.50 1.59
N ALA B 207 -20.86 18.19 0.56
CA ALA B 207 -21.15 17.57 -0.73
C ALA B 207 -20.39 18.28 -1.84
N CYS B 208 -20.59 17.80 -3.06
CA CYS B 208 -19.89 18.29 -4.23
C CYS B 208 -20.49 19.57 -4.79
N ASP B 209 -21.57 20.08 -4.21
CA ASP B 209 -22.12 21.36 -4.59
C ASP B 209 -21.48 22.51 -3.83
N ALA B 210 -20.34 22.28 -3.19
CA ALA B 210 -19.63 23.30 -2.44
C ALA B 210 -20.53 23.88 -1.34
N SER B 211 -20.93 23.01 -0.42
CA SER B 211 -21.76 23.42 0.70
C SER B 211 -21.67 22.38 1.80
N ALA B 212 -22.11 22.77 2.99
CA ALA B 212 -22.17 21.89 4.14
C ALA B 212 -23.52 22.01 4.81
N LYS B 213 -23.96 20.93 5.45
CA LYS B 213 -25.24 20.89 6.14
C LYS B 213 -25.12 20.05 7.40
N LEU B 214 -25.64 20.55 8.50
CA LEU B 214 -25.67 19.81 9.75
C LEU B 214 -26.99 19.06 9.86
N TRP B 215 -26.90 17.81 10.28
CA TRP B 215 -28.05 16.91 10.27
C TRP B 215 -28.48 16.57 11.69
N ASP B 216 -29.76 16.79 11.99
CA ASP B 216 -30.35 16.37 13.24
C ASP B 216 -30.67 14.88 13.13
N VAL B 217 -29.88 14.04 13.79
CA VAL B 217 -30.04 12.60 13.65
C VAL B 217 -31.42 12.16 14.11
N ARG B 218 -31.93 12.78 15.16
CA ARG B 218 -33.24 12.40 15.70
C ARG B 218 -34.37 13.03 14.88
N GLU B 219 -34.43 14.35 14.83
CA GLU B 219 -35.55 15.03 14.18
C GLU B 219 -35.61 14.70 12.69
N GLY B 220 -34.45 14.71 12.02
CA GLY B 220 -34.37 14.38 10.61
C GLY B 220 -34.26 15.56 9.68
N MET B 221 -34.41 16.78 10.20
CA MET B 221 -34.34 17.99 9.38
C MET B 221 -33.01 18.71 9.63
N CYS B 222 -32.37 19.12 8.53
CA CYS B 222 -31.12 19.86 8.66
C CYS B 222 -31.31 21.10 9.52
N ARG B 223 -30.18 21.65 9.98
CA ARG B 223 -30.18 22.81 10.84
C ARG B 223 -29.62 24.05 10.15
N GLN B 224 -28.45 23.95 9.53
CA GLN B 224 -27.81 25.09 8.89
C GLN B 224 -27.16 24.65 7.59
N THR B 225 -26.98 25.61 6.69
CA THR B 225 -26.29 25.38 5.42
C THR B 225 -25.16 26.38 5.30
N PHE B 226 -23.94 25.88 5.05
CA PHE B 226 -22.75 26.70 4.92
C PHE B 226 -22.26 26.62 3.47
N THR B 227 -22.03 27.78 2.86
CA THR B 227 -21.74 27.88 1.43
C THR B 227 -20.46 28.68 1.20
N GLY B 228 -19.40 28.32 1.93
CA GLY B 228 -18.16 29.08 1.87
C GLY B 228 -17.13 28.61 0.88
N HIS B 229 -17.32 27.43 0.26
CA HIS B 229 -16.30 26.87 -0.61
C HIS B 229 -16.57 27.23 -2.06
N GLU B 230 -15.48 27.21 -2.85
CA GLU B 230 -15.54 27.47 -4.29
C GLU B 230 -15.48 26.20 -5.12
N SER B 231 -15.42 25.04 -4.48
CA SER B 231 -15.29 23.78 -5.21
C SER B 231 -15.80 22.65 -4.31
N ASP B 232 -15.49 21.41 -4.68
CA ASP B 232 -15.99 20.26 -3.96
C ASP B 232 -15.56 20.29 -2.49
N ILE B 233 -16.16 19.41 -1.71
CA ILE B 233 -15.80 19.20 -0.30
C ILE B 233 -15.52 17.71 -0.16
N ASN B 234 -14.25 17.32 -0.33
CA ASN B 234 -13.92 15.90 -0.34
C ASN B 234 -14.03 15.29 1.05
N ALA B 235 -13.47 15.95 2.06
CA ALA B 235 -13.41 15.42 3.41
C ALA B 235 -13.82 16.49 4.42
N ILE B 236 -14.50 16.05 5.47
CA ILE B 236 -14.96 16.92 6.55
C ILE B 236 -14.61 16.28 7.88
N CYS B 237 -14.26 17.15 8.84
CA CYS B 237 -13.93 16.70 10.18
C CYS B 237 -14.89 17.35 11.15
N PHE B 238 -14.76 17.06 12.42
CA PHE B 238 -15.62 17.63 13.46
C PHE B 238 -14.75 17.98 14.66
N PHE B 239 -14.79 19.24 15.08
CA PHE B 239 -13.96 19.68 16.19
C PHE B 239 -14.34 18.90 17.45
N PRO B 240 -13.37 18.44 18.23
CA PRO B 240 -13.72 17.61 19.41
C PRO B 240 -14.61 18.33 20.39
N ASN B 241 -14.56 19.65 20.45
CA ASN B 241 -15.39 20.39 21.39
C ASN B 241 -16.87 20.18 21.13
N GLY B 242 -17.23 19.75 19.92
CA GLY B 242 -18.63 19.57 19.56
C GLY B 242 -19.30 20.81 19.03
N ASN B 243 -18.54 21.83 18.63
CA ASN B 243 -19.11 23.09 18.19
C ASN B 243 -18.55 23.61 16.87
N ALA B 244 -17.49 22.99 16.33
CA ALA B 244 -16.89 23.44 15.08
C ALA B 244 -16.58 22.24 14.21
N PHE B 245 -16.50 22.48 12.91
CA PHE B 245 -16.12 21.44 11.96
C PHE B 245 -15.26 22.07 10.88
N ALA B 246 -14.15 21.41 10.54
CA ALA B 246 -13.21 21.90 9.54
C ALA B 246 -13.35 21.08 8.26
N THR B 247 -13.35 21.79 7.13
CA THR B 247 -13.64 21.20 5.83
C THR B 247 -12.37 21.07 5.00
N GLY B 248 -12.38 20.11 4.09
CA GLY B 248 -11.32 19.97 3.12
C GLY B 248 -11.87 19.95 1.71
N SER B 249 -11.54 20.96 0.92
CA SER B 249 -12.06 21.13 -0.42
C SER B 249 -10.94 20.95 -1.45
N ASP B 250 -11.36 20.82 -2.71
CA ASP B 250 -10.41 20.61 -3.80
C ASP B 250 -9.75 21.89 -4.27
N ASP B 251 -10.22 23.05 -3.80
CA ASP B 251 -9.59 24.32 -4.16
C ASP B 251 -8.55 24.75 -3.15
N ALA B 252 -7.64 23.83 -2.81
CA ALA B 252 -6.51 24.12 -1.93
C ALA B 252 -6.93 24.90 -0.68
N THR B 253 -8.13 24.64 -0.17
CA THR B 253 -8.66 25.43 0.93
C THR B 253 -9.24 24.52 2.00
N CYS B 254 -8.90 24.82 3.26
CA CYS B 254 -9.57 24.26 4.42
C CYS B 254 -10.13 25.41 5.24
N ARG B 255 -11.34 25.23 5.76
CA ARG B 255 -12.07 26.32 6.40
C ARG B 255 -12.62 25.83 7.72
N LEU B 256 -12.89 26.78 8.62
CA LEU B 256 -13.43 26.50 9.95
C LEU B 256 -14.81 27.11 10.08
N PHE B 257 -15.76 26.33 10.57
CA PHE B 257 -17.12 26.77 10.80
C PHE B 257 -17.54 26.45 12.23
N ASP B 258 -18.41 27.29 12.78
CA ASP B 258 -18.91 27.12 14.14
C ASP B 258 -20.42 27.11 14.12
N LEU B 259 -21.01 26.09 14.74
CA LEU B 259 -22.46 25.93 14.71
C LEU B 259 -23.17 27.15 15.29
N ARG B 260 -22.78 27.55 16.51
CA ARG B 260 -23.48 28.65 17.17
C ARG B 260 -23.33 29.94 16.39
N ALA B 261 -22.11 30.25 15.96
CA ALA B 261 -21.89 31.45 15.14
C ALA B 261 -22.61 31.33 13.81
N ASP B 262 -22.58 30.14 13.20
CA ASP B 262 -23.19 29.90 11.90
C ASP B 262 -22.53 30.77 10.82
N GLN B 263 -21.21 30.67 10.74
CA GLN B 263 -20.43 31.52 9.85
C GLN B 263 -19.09 30.89 9.56
N GLU B 264 -18.37 31.48 8.61
CA GLU B 264 -17.00 31.12 8.32
C GLU B 264 -16.06 31.77 9.33
N LEU B 265 -14.96 31.07 9.66
CA LEU B 265 -14.06 31.56 10.69
C LEU B 265 -12.60 31.51 10.24
N MET B 266 -12.28 30.66 9.28
CA MET B 266 -10.90 30.54 8.81
C MET B 266 -10.86 30.07 7.36
N THR B 267 -9.73 30.34 6.72
CA THR B 267 -9.38 29.83 5.40
C THR B 267 -7.92 29.38 5.47
N TYR B 268 -7.70 28.14 5.86
CA TYR B 268 -6.36 27.60 6.01
C TYR B 268 -5.82 27.32 4.61
N SER B 269 -5.21 28.34 4.01
CA SER B 269 -4.77 28.25 2.62
C SER B 269 -3.51 29.10 2.45
N HIS B 270 -2.79 28.83 1.37
CA HIS B 270 -1.55 29.53 1.07
C HIS B 270 -1.40 29.61 -0.45
N ASP B 271 -0.61 30.58 -0.89
CA ASP B 271 -0.42 30.79 -2.32
C ASP B 271 0.32 29.63 -2.97
N ASN B 272 1.33 29.09 -2.27
CA ASN B 272 2.19 28.07 -2.86
C ASN B 272 1.51 26.71 -3.01
N ILE B 273 0.26 26.58 -2.55
CA ILE B 273 -0.49 25.33 -2.68
C ILE B 273 -1.62 25.56 -3.67
N ILE B 274 -1.62 24.78 -4.76
CA ILE B 274 -2.67 24.84 -5.76
C ILE B 274 -3.25 23.44 -5.91
N CYS B 275 -3.13 22.64 -4.86
CA CYS B 275 -3.56 21.24 -4.84
C CYS B 275 -4.85 21.11 -4.06
N GLY B 276 -5.35 19.87 -3.95
CA GLY B 276 -6.58 19.61 -3.25
C GLY B 276 -6.35 18.94 -1.90
N ILE B 277 -7.39 18.98 -1.08
CA ILE B 277 -7.37 18.42 0.27
C ILE B 277 -8.24 17.18 0.27
N THR B 278 -7.65 16.05 0.66
CA THR B 278 -8.35 14.77 0.64
C THR B 278 -8.84 14.33 2.01
N SER B 279 -8.20 14.77 3.08
CA SER B 279 -8.59 14.38 4.43
C SER B 279 -8.34 15.53 5.38
N VAL B 280 -9.10 15.54 6.47
CA VAL B 280 -8.99 16.57 7.49
C VAL B 280 -9.21 15.93 8.85
N SER B 281 -8.44 16.38 9.85
CA SER B 281 -8.58 15.88 11.21
C SER B 281 -8.13 16.96 12.18
N PHE B 282 -8.58 16.84 13.41
CA PHE B 282 -8.24 17.78 14.48
C PHE B 282 -7.48 17.07 15.58
N SER B 283 -6.46 17.74 16.12
CA SER B 283 -5.76 17.21 17.27
C SER B 283 -6.65 17.27 18.50
N LYS B 284 -6.28 16.50 19.53
CA LYS B 284 -7.18 16.32 20.67
C LYS B 284 -7.52 17.65 21.32
N SER B 285 -6.51 18.51 21.52
CA SER B 285 -6.76 19.80 22.15
C SER B 285 -7.22 20.87 21.17
N GLY B 286 -7.30 20.54 19.87
CA GLY B 286 -7.81 21.47 18.90
C GLY B 286 -6.83 22.51 18.41
N ARG B 287 -5.59 22.47 18.87
CA ARG B 287 -4.59 23.47 18.45
C ARG B 287 -3.96 23.09 17.12
N LEU B 288 -4.16 21.87 16.67
CA LEU B 288 -3.60 21.40 15.41
C LEU B 288 -4.72 20.90 14.51
N LEU B 289 -4.79 21.43 13.29
CA LEU B 289 -5.73 20.98 12.26
C LEU B 289 -4.90 20.31 11.16
N LEU B 290 -4.70 19.00 11.29
CA LEU B 290 -3.98 18.26 10.27
C LEU B 290 -4.85 18.13 9.03
N ALA B 291 -4.20 18.16 7.86
CA ALA B 291 -4.93 18.10 6.60
C ALA B 291 -4.02 17.52 5.53
N GLY B 292 -4.47 16.43 4.91
CA GLY B 292 -3.76 15.90 3.77
C GLY B 292 -3.91 16.77 2.55
N TYR B 293 -2.99 16.59 1.61
CA TYR B 293 -2.97 17.39 0.40
C TYR B 293 -2.57 16.52 -0.77
N ASP B 294 -2.95 16.96 -1.98
CA ASP B 294 -2.70 16.17 -3.18
C ASP B 294 -1.26 16.26 -3.65
N ASP B 295 -0.50 17.25 -3.19
CA ASP B 295 0.88 17.42 -3.63
C ASP B 295 1.82 16.50 -2.86
N PHE B 296 1.48 15.22 -2.80
CA PHE B 296 2.33 14.13 -2.32
C PHE B 296 2.62 14.20 -0.83
N ASN B 297 2.15 15.23 -0.12
CA ASN B 297 2.52 15.42 1.28
C ASN B 297 1.35 16.00 2.04
N CYS B 298 1.40 15.88 3.37
CA CYS B 298 0.33 16.34 4.25
C CYS B 298 0.91 17.29 5.29
N ASN B 299 0.16 18.35 5.58
CA ASN B 299 0.61 19.43 6.42
C ASN B 299 -0.03 19.34 7.80
N VAL B 300 0.45 20.18 8.71
CA VAL B 300 -0.03 20.24 10.08
C VAL B 300 -0.33 21.70 10.39
N TRP B 301 -1.59 22.09 10.24
CA TRP B 301 -1.99 23.48 10.39
C TRP B 301 -2.36 23.77 11.85
N ASP B 302 -1.99 24.95 12.31
CA ASP B 302 -2.41 25.42 13.63
C ASP B 302 -3.82 25.97 13.52
N ALA B 303 -4.75 25.40 14.28
CA ALA B 303 -6.16 25.73 14.11
C ALA B 303 -6.44 27.20 14.40
N LEU B 304 -5.82 27.74 15.44
CA LEU B 304 -6.15 29.10 15.87
C LEU B 304 -5.47 30.15 15.00
N LYS B 305 -4.13 30.13 14.96
CA LYS B 305 -3.41 31.13 14.18
C LYS B 305 -3.63 30.94 12.69
N ALA B 306 -3.89 29.71 12.25
CA ALA B 306 -4.16 29.30 10.88
C ALA B 306 -2.90 29.24 10.03
N ASP B 307 -1.74 29.65 10.55
CA ASP B 307 -0.50 29.50 9.82
C ASP B 307 0.02 28.07 9.91
N ARG B 308 0.75 27.64 8.89
CA ARG B 308 1.33 26.31 8.91
C ARG B 308 2.29 26.17 10.07
N ALA B 309 2.34 24.97 10.65
CA ALA B 309 3.19 24.69 11.80
C ALA B 309 3.88 23.35 11.67
N GLY B 310 4.06 22.85 10.45
CA GLY B 310 4.75 21.60 10.25
C GLY B 310 4.42 21.02 8.89
N VAL B 311 5.14 19.96 8.56
CA VAL B 311 4.96 19.26 7.28
C VAL B 311 5.35 17.80 7.49
N LEU B 312 4.68 16.92 6.76
CA LEU B 312 4.90 15.48 6.82
C LEU B 312 5.13 15.01 5.40
N ALA B 313 6.39 15.05 4.95
CA ALA B 313 6.74 14.79 3.56
C ALA B 313 7.16 13.34 3.33
N GLY B 314 6.63 12.41 4.12
CA GLY B 314 7.04 11.02 3.97
C GLY B 314 6.38 10.27 2.85
N HIS B 315 5.34 10.83 2.23
CA HIS B 315 4.56 10.13 1.23
C HIS B 315 4.92 10.59 -0.17
N ASP B 316 4.85 9.67 -1.12
CA ASP B 316 5.18 9.92 -2.51
C ASP B 316 3.97 9.70 -3.42
N ASN B 317 2.80 10.10 -2.95
CA ASN B 317 1.57 10.04 -3.73
C ASN B 317 0.49 10.77 -2.93
N ARG B 318 -0.72 10.81 -3.49
CA ARG B 318 -1.79 11.55 -2.84
C ARG B 318 -2.04 11.03 -1.44
N VAL B 319 -2.13 11.94 -0.48
CA VAL B 319 -2.62 11.59 0.85
C VAL B 319 -4.13 11.45 0.76
N SER B 320 -4.64 10.31 1.20
CA SER B 320 -6.05 9.98 1.02
C SER B 320 -6.84 9.95 2.32
N CYS B 321 -6.17 9.79 3.46
CA CYS B 321 -6.84 9.63 4.73
C CYS B 321 -5.93 10.08 5.85
N LEU B 322 -6.52 10.45 6.98
CA LEU B 322 -5.76 11.01 8.09
C LEU B 322 -6.63 10.99 9.33
N GLY B 323 -6.09 10.48 10.43
CA GLY B 323 -6.83 10.41 11.68
C GLY B 323 -5.90 10.48 12.87
N VAL B 324 -6.36 11.19 13.91
CA VAL B 324 -5.60 11.39 15.14
C VAL B 324 -6.27 10.61 16.25
N THR B 325 -5.47 9.88 17.03
CA THR B 325 -6.02 8.97 18.02
C THR B 325 -6.93 9.71 19.00
N ASP B 326 -7.72 8.92 19.73
CA ASP B 326 -8.65 9.48 20.70
C ASP B 326 -7.94 10.06 21.91
N ASP B 327 -6.68 9.71 22.11
CA ASP B 327 -5.86 10.31 23.18
C ASP B 327 -4.82 11.27 22.63
N GLY B 328 -4.78 11.50 21.32
CA GLY B 328 -3.86 12.47 20.76
C GLY B 328 -2.42 12.04 20.76
N MET B 329 -2.15 10.75 20.93
CA MET B 329 -0.79 10.24 21.03
C MET B 329 -0.22 9.79 19.69
N ALA B 330 -0.95 9.94 18.59
CA ALA B 330 -0.44 9.53 17.30
C ALA B 330 -1.25 10.16 16.19
N VAL B 331 -0.68 10.13 14.99
CA VAL B 331 -1.34 10.55 13.75
C VAL B 331 -1.00 9.54 12.68
N ALA B 332 -2.01 9.16 11.89
CA ALA B 332 -1.85 8.18 10.83
C ALA B 332 -2.23 8.79 9.50
N THR B 333 -1.47 8.44 8.46
CA THR B 333 -1.65 9.02 7.14
C THR B 333 -1.52 7.92 6.10
N GLY B 334 -2.60 7.66 5.36
CA GLY B 334 -2.60 6.69 4.28
C GLY B 334 -2.68 7.39 2.94
N SER B 335 -1.86 6.93 2.00
CA SER B 335 -1.79 7.57 0.70
C SER B 335 -1.82 6.51 -0.40
N TRP B 336 -1.93 6.94 -1.64
CA TRP B 336 -1.95 6.02 -2.78
C TRP B 336 -0.68 5.19 -2.88
N ASP B 337 0.35 5.52 -2.11
CA ASP B 337 1.58 4.74 -2.09
C ASP B 337 1.43 3.39 -1.38
N SER B 338 0.20 3.02 -1.00
CA SER B 338 -0.07 1.71 -0.37
C SER B 338 0.59 1.54 0.99
N PHE B 339 0.89 2.65 1.67
CA PHE B 339 1.53 2.60 2.96
C PHE B 339 0.78 3.47 3.95
N LEU B 340 0.88 3.10 5.23
CA LEU B 340 0.43 3.92 6.34
C LEU B 340 1.62 4.27 7.21
N LYS B 341 1.64 5.48 7.75
CA LYS B 341 2.72 5.96 8.60
C LYS B 341 2.11 6.57 9.84
N ILE B 342 2.63 6.18 11.01
CA ILE B 342 2.14 6.67 12.28
C ILE B 342 3.11 7.72 12.78
N TRP B 343 2.72 8.98 12.67
CA TRP B 343 3.55 10.10 13.10
C TRP B 343 3.21 10.45 14.54
N ASN B 344 4.24 10.61 15.37
CA ASN B 344 4.05 10.99 16.76
C ASN B 344 4.88 12.22 17.09
N HIS C 2 44.83 -5.46 -18.09
CA HIS C 2 44.44 -6.56 -17.21
C HIS C 2 45.28 -7.78 -17.50
N TRP C 3 46.01 -7.74 -18.61
CA TRP C 3 47.04 -8.73 -18.86
C TRP C 3 48.35 -8.24 -18.25
N SER C 4 49.39 -9.07 -18.34
CA SER C 4 50.72 -8.67 -17.89
C SER C 4 51.52 -8.21 -19.10
N TYR C 5 51.93 -6.94 -19.08
CA TYR C 5 52.62 -6.31 -20.19
C TYR C 5 54.12 -6.37 -19.96
N GLY C 6 54.65 -7.59 -19.97
CA GLY C 6 56.03 -7.75 -19.56
C GLY C 6 56.15 -7.40 -18.10
N LEU C 7 57.39 -7.14 -17.69
CA LEU C 7 57.63 -6.68 -16.32
C LEU C 7 57.39 -5.19 -16.18
N ARG C 8 56.26 -4.72 -16.66
CA ARG C 8 55.93 -3.30 -16.71
C ARG C 8 54.76 -3.01 -15.79
N PRO C 9 54.61 -1.76 -15.35
CA PRO C 9 53.55 -1.43 -14.38
C PRO C 9 52.17 -1.53 -14.99
N GLY C 10 51.71 -2.76 -15.26
CA GLY C 10 50.37 -2.93 -15.79
C GLY C 10 49.33 -2.44 -14.80
N THR D 6 -45.78 20.10 -10.43
CA THR D 6 -44.65 19.51 -11.15
C THR D 6 -43.41 19.47 -10.28
N ALA D 7 -42.31 18.97 -10.84
CA ALA D 7 -41.08 18.84 -10.06
C ALA D 7 -40.54 20.20 -9.65
N SER D 8 -40.61 21.19 -10.55
CA SER D 8 -40.04 22.50 -10.25
C SER D 8 -40.74 23.16 -9.06
N ILE D 9 -42.07 23.06 -9.00
CA ILE D 9 -42.81 23.68 -7.89
C ILE D 9 -42.41 23.04 -6.57
N ALA D 10 -42.35 21.71 -6.54
CA ALA D 10 -41.96 21.02 -5.32
C ALA D 10 -40.53 21.38 -4.91
N GLN D 11 -39.63 21.44 -5.88
CA GLN D 11 -38.24 21.80 -5.57
C GLN D 11 -38.16 23.21 -4.98
N ALA D 12 -38.88 24.16 -5.58
CA ALA D 12 -38.86 25.52 -5.07
C ALA D 12 -39.45 25.60 -3.67
N ARG D 13 -40.55 24.88 -3.44
CA ARG D 13 -41.17 24.87 -2.11
C ARG D 13 -40.21 24.30 -1.08
N LYS D 14 -39.54 23.19 -1.41
CA LYS D 14 -38.58 22.59 -0.49
C LYS D 14 -37.42 23.55 -0.23
N LEU D 15 -36.93 24.23 -1.27
CA LEU D 15 -35.82 25.15 -1.10
C LEU D 15 -36.20 26.29 -0.17
N VAL D 16 -37.38 26.88 -0.37
CA VAL D 16 -37.79 28.00 0.47
C VAL D 16 -38.02 27.52 1.90
N GLU D 17 -38.61 26.34 2.08
CA GLU D 17 -38.82 25.82 3.43
C GLU D 17 -37.49 25.59 4.13
N GLN D 18 -36.51 25.02 3.43
CA GLN D 18 -35.20 24.79 4.03
C GLN D 18 -34.52 26.11 4.37
N LEU D 19 -34.63 27.10 3.49
CA LEU D 19 -34.03 28.40 3.77
C LEU D 19 -34.66 29.03 5.01
N LYS D 20 -35.99 28.95 5.12
CA LYS D 20 -36.66 29.49 6.29
C LYS D 20 -36.24 28.76 7.55
N MET D 21 -36.14 27.42 7.49
CA MET D 21 -35.73 26.65 8.66
C MET D 21 -34.32 27.02 9.09
N GLU D 22 -33.40 27.16 8.14
CA GLU D 22 -32.04 27.56 8.47
C GLU D 22 -32.02 28.97 9.07
N ALA D 23 -32.80 29.88 8.50
CA ALA D 23 -32.83 31.25 9.03
C ALA D 23 -33.41 31.29 10.43
N ASN D 24 -34.33 30.38 10.76
CA ASN D 24 -34.98 30.41 12.06
C ASN D 24 -34.02 30.15 13.21
N ILE D 25 -32.83 29.63 12.93
CA ILE D 25 -31.87 29.32 13.98
C ILE D 25 -31.28 30.62 14.52
N ASP D 26 -31.29 30.77 15.84
CA ASP D 26 -30.67 31.92 16.48
C ASP D 26 -29.15 31.81 16.39
N ARG D 27 -28.47 32.95 16.46
CA ARG D 27 -27.03 33.02 16.33
C ARG D 27 -26.44 33.85 17.45
N ILE D 28 -25.23 33.48 17.85
CA ILE D 28 -24.49 34.21 18.88
C ILE D 28 -23.37 34.99 18.20
N LYS D 29 -22.72 35.85 18.98
CA LYS D 29 -21.67 36.70 18.42
C LYS D 29 -20.41 35.90 18.12
N VAL D 30 -19.70 36.32 17.08
CA VAL D 30 -18.52 35.58 16.64
C VAL D 30 -17.40 35.67 17.67
N SER D 31 -17.27 36.82 18.34
CA SER D 31 -16.20 36.98 19.30
C SER D 31 -16.34 35.98 20.45
N LYS D 32 -17.57 35.74 20.91
CA LYS D 32 -17.78 34.78 21.97
C LYS D 32 -17.38 33.38 21.51
N ALA D 33 -17.72 33.01 20.28
CA ALA D 33 -17.32 31.70 19.76
C ALA D 33 -15.82 31.57 19.68
N ALA D 34 -15.13 32.63 19.21
CA ALA D 34 -13.68 32.61 19.15
C ALA D 34 -13.09 32.43 20.54
N ALA D 35 -13.64 33.14 21.52
CA ALA D 35 -13.19 32.98 22.89
C ALA D 35 -13.38 31.55 23.37
N ASP D 36 -14.50 30.94 22.99
CA ASP D 36 -14.76 29.56 23.39
C ASP D 36 -13.72 28.60 22.81
N LEU D 37 -13.40 28.78 21.53
CA LEU D 37 -12.41 27.95 20.89
C LEU D 37 -11.08 28.10 21.58
N MET D 38 -10.67 29.35 21.82
CA MET D 38 -9.39 29.62 22.46
C MET D 38 -9.33 29.02 23.86
N ALA D 39 -10.43 29.16 24.62
CA ALA D 39 -10.48 28.61 25.97
C ALA D 39 -10.36 27.10 25.95
N TYR D 40 -11.05 26.43 25.02
CA TYR D 40 -10.93 24.98 24.94
C TYR D 40 -9.50 24.58 24.58
N CYS D 41 -8.89 25.28 23.63
CA CYS D 41 -7.52 24.95 23.23
C CYS D 41 -6.57 25.09 24.41
N GLU D 42 -6.72 26.15 25.21
CA GLU D 42 -5.86 26.32 26.37
C GLU D 42 -6.15 25.29 27.46
N ALA D 43 -7.42 24.90 27.60
CA ALA D 43 -7.80 24.05 28.73
C ALA D 43 -7.08 22.71 28.70
N HIS D 44 -6.98 22.10 27.53
CA HIS D 44 -6.37 20.78 27.36
C HIS D 44 -5.02 20.87 26.64
N ALA D 45 -4.27 21.94 26.94
CA ALA D 45 -2.95 22.09 26.32
C ALA D 45 -1.99 21.01 26.77
N LYS D 46 -2.08 20.57 28.02
CA LYS D 46 -1.21 19.53 28.54
C LYS D 46 -1.63 18.13 28.13
N GLU D 47 -2.84 17.97 27.58
CA GLU D 47 -3.38 16.66 27.22
C GLU D 47 -3.23 16.36 25.74
N ASP D 48 -2.44 17.14 25.00
CA ASP D 48 -2.25 16.92 23.58
C ASP D 48 -0.81 16.50 23.31
N PRO D 49 -0.53 15.20 23.17
CA PRO D 49 0.85 14.78 22.94
C PRO D 49 1.52 15.46 21.76
N LEU D 50 0.79 15.67 20.66
CA LEU D 50 1.42 16.26 19.47
C LEU D 50 1.75 17.73 19.68
N LEU D 51 0.85 18.49 20.32
CA LEU D 51 1.10 19.90 20.54
C LEU D 51 2.33 20.10 21.42
N THR D 52 2.46 19.32 22.49
CA THR D 52 3.60 19.38 23.39
C THR D 52 4.28 18.02 23.40
N PRO D 53 5.35 17.83 22.61
CA PRO D 53 6.01 16.52 22.58
C PRO D 53 6.16 15.87 23.94
N VAL D 54 5.60 14.68 24.10
CA VAL D 54 5.56 13.99 25.38
C VAL D 54 6.94 13.46 25.73
N PRO D 55 7.22 13.15 26.99
CA PRO D 55 8.48 12.49 27.32
C PRO D 55 8.63 11.19 26.55
N ALA D 56 9.85 10.90 26.12
CA ALA D 56 10.10 9.69 25.34
C ALA D 56 9.73 8.43 26.12
N SER D 57 9.69 8.50 27.44
CA SER D 57 9.34 7.32 28.23
C SER D 57 7.87 6.97 28.09
N GLU D 58 6.99 7.98 28.17
CA GLU D 58 5.55 7.75 28.13
C GLU D 58 5.00 7.60 26.72
N ASN D 59 5.81 7.87 25.69
CA ASN D 59 5.34 7.74 24.33
C ASN D 59 5.25 6.26 23.97
N PRO D 60 4.06 5.74 23.59
CA PRO D 60 3.96 4.31 23.30
C PRO D 60 4.70 3.87 22.05
N PHE D 61 5.21 4.80 21.24
CA PHE D 61 5.93 4.45 20.03
C PHE D 61 7.44 4.63 20.15
N ARG D 62 7.92 5.38 21.12
CA ARG D 62 9.36 5.53 21.34
C ARG D 62 9.65 5.84 22.80
N ASN E 113 65.72 -1.55 -20.84
CA ASN E 113 65.74 -2.97 -20.40
C ASN E 113 64.78 -3.19 -19.23
N LEU E 114 65.26 -2.98 -18.00
CA LEU E 114 64.39 -3.22 -16.85
C LEU E 114 63.41 -2.06 -16.78
N PRO E 115 62.12 -2.38 -16.78
CA PRO E 115 61.12 -1.30 -16.80
C PRO E 115 61.29 -0.24 -15.71
N THR E 116 61.55 0.99 -16.13
CA THR E 116 61.73 2.11 -15.21
C THR E 116 60.76 3.23 -15.55
N LEU E 117 60.88 4.36 -14.83
CA LEU E 117 59.99 5.49 -15.03
C LEU E 117 60.54 6.47 -16.05
N THR E 118 60.45 6.10 -17.32
CA THR E 118 60.87 6.97 -18.41
C THR E 118 59.98 8.21 -18.46
N LEU E 119 60.28 9.10 -19.41
CA LEU E 119 59.48 10.32 -19.55
C LEU E 119 58.02 9.99 -19.85
N SER E 120 57.78 8.91 -20.60
CA SER E 120 56.42 8.54 -20.98
C SER E 120 55.59 8.06 -19.81
N GLY E 121 56.13 8.03 -18.59
CA GLY E 121 55.40 7.49 -17.45
C GLY E 121 54.92 8.52 -16.47
N LYS E 122 55.71 9.56 -16.22
CA LYS E 122 55.26 10.62 -15.33
C LYS E 122 54.01 11.30 -15.88
N ILE E 123 54.02 11.61 -17.17
CA ILE E 123 52.84 12.18 -17.81
C ILE E 123 51.67 11.22 -17.72
N ARG E 124 51.94 9.92 -17.95
CA ARG E 124 50.88 8.92 -17.91
C ARG E 124 50.20 8.89 -16.55
N VAL E 125 50.98 8.88 -15.48
CA VAL E 125 50.35 8.79 -14.16
C VAL E 125 49.70 10.11 -13.77
N THR E 126 50.24 11.25 -14.21
CA THR E 126 49.56 12.52 -13.94
C THR E 126 48.19 12.54 -14.61
N VAL E 127 48.13 12.13 -15.87
CA VAL E 127 46.86 12.07 -16.57
C VAL E 127 45.94 11.04 -15.93
N THR E 128 46.51 9.94 -15.42
CA THR E 128 45.69 8.93 -14.76
C THR E 128 45.02 9.49 -13.52
N PHE E 129 45.76 10.24 -12.71
CA PHE E 129 45.17 10.87 -11.53
C PHE E 129 44.12 11.91 -11.93
N PHE E 130 44.41 12.67 -12.98
CA PHE E 130 43.42 13.63 -13.48
C PHE E 130 42.13 12.93 -13.90
N LEU E 131 42.25 11.80 -14.59
CA LEU E 131 41.08 11.06 -15.02
C LEU E 131 40.36 10.44 -13.83
N PHE E 132 41.09 9.99 -12.82
CA PHE E 132 40.47 9.55 -11.58
C PHE E 132 39.57 10.64 -11.02
N LEU E 133 40.12 11.85 -10.87
CA LEU E 133 39.35 12.94 -10.31
C LEU E 133 38.13 13.26 -11.17
N LEU E 134 38.32 13.32 -12.49
CA LEU E 134 37.22 13.68 -13.38
C LEU E 134 36.12 12.64 -13.34
N SER E 135 36.49 11.35 -13.39
CA SER E 135 35.49 10.29 -13.33
C SER E 135 34.71 10.34 -12.02
N THR E 136 35.43 10.50 -10.91
CA THR E 136 34.73 10.54 -9.62
C THR E 136 33.77 11.71 -9.57
N ALA E 137 34.20 12.89 -10.03
CA ALA E 137 33.32 14.06 -10.00
C ALA E 137 32.10 13.86 -10.89
N PHE E 138 32.34 13.38 -12.11
CA PHE E 138 31.24 13.22 -13.06
C PHE E 138 30.22 12.22 -12.57
N ASN E 139 30.68 11.09 -12.06
CA ASN E 139 29.75 10.07 -11.59
C ASN E 139 29.08 10.47 -10.29
N ALA E 140 29.75 11.24 -9.42
CA ALA E 140 29.08 11.74 -8.23
C ALA E 140 27.95 12.70 -8.61
N SER E 141 28.22 13.60 -9.58
CA SER E 141 27.17 14.49 -10.03
C SER E 141 26.02 13.72 -10.65
N PHE E 142 26.33 12.68 -11.43
CA PHE E 142 25.27 11.89 -12.04
C PHE E 142 24.45 11.14 -11.00
N LEU E 143 25.10 10.63 -9.95
CA LEU E 143 24.36 9.98 -8.87
C LEU E 143 23.46 10.98 -8.15
N LEU E 144 23.96 12.20 -7.93
CA LEU E 144 23.13 13.22 -7.32
C LEU E 144 21.91 13.52 -8.18
N LYS E 145 22.11 13.60 -9.49
CA LYS E 145 20.98 13.82 -10.40
C LYS E 145 20.00 12.66 -10.36
N LEU E 146 20.51 11.43 -10.37
CA LEU E 146 19.64 10.26 -10.43
C LEU E 146 18.82 10.11 -9.17
N GLN E 147 19.43 10.32 -7.99
CA GLN E 147 18.69 10.22 -6.75
C GLN E 147 17.54 11.22 -6.72
N LYS E 148 17.78 12.45 -7.17
CA LYS E 148 16.75 13.47 -7.22
C LYS E 148 15.93 13.34 -8.49
N SER E 160 11.72 4.36 -10.47
CA SER E 160 11.68 3.90 -11.85
C SER E 160 12.77 2.87 -12.10
N ARG E 161 12.46 1.88 -12.93
CA ARG E 161 13.43 0.82 -13.21
C ARG E 161 14.67 1.38 -13.90
N MET E 162 14.48 2.27 -14.87
CA MET E 162 15.61 2.86 -15.57
C MET E 162 16.51 3.60 -14.59
N LYS E 163 15.91 4.33 -13.65
CA LYS E 163 16.70 5.02 -12.63
C LYS E 163 17.50 4.02 -11.81
N VAL E 164 16.90 2.90 -11.45
CA VAL E 164 17.60 1.91 -10.64
C VAL E 164 18.81 1.37 -11.38
N LEU E 165 18.61 0.97 -12.64
CA LEU E 165 19.73 0.41 -13.41
C LEU E 165 20.82 1.44 -13.62
N LEU E 166 20.44 2.67 -13.97
CA LEU E 166 21.45 3.71 -14.21
C LEU E 166 22.22 4.04 -12.93
N LYS E 167 21.52 4.12 -11.80
CA LYS E 167 22.19 4.39 -10.53
C LYS E 167 23.18 3.29 -10.18
N HIS E 168 22.77 2.02 -10.35
CA HIS E 168 23.69 0.94 -10.06
C HIS E 168 24.88 0.95 -11.01
N LEU E 169 24.64 1.30 -12.28
CA LEU E 169 25.76 1.38 -13.22
C LEU E 169 26.74 2.46 -12.81
N THR E 170 26.24 3.62 -12.39
CA THR E 170 27.14 4.69 -11.97
C THR E 170 27.90 4.30 -10.71
N LEU E 171 27.26 3.55 -9.81
CA LEU E 171 27.96 3.07 -8.64
C LEU E 171 29.06 2.08 -9.02
N ALA E 172 28.80 1.20 -9.99
CA ALA E 172 29.84 0.30 -10.46
C ALA E 172 30.99 1.06 -11.10
N ASN E 173 30.67 2.12 -11.84
CA ASN E 173 31.72 2.96 -12.41
C ASN E 173 32.54 3.64 -11.32
N LEU E 174 31.89 4.08 -10.23
CA LEU E 174 32.63 4.57 -9.08
C LEU E 174 33.56 3.50 -8.52
N LEU E 175 33.06 2.27 -8.40
CA LEU E 175 33.90 1.19 -7.89
C LEU E 175 35.15 1.02 -8.74
N GLU E 176 34.97 0.94 -10.06
CA GLU E 176 36.13 0.84 -10.95
C GLU E 176 37.05 2.05 -10.82
N THR E 177 36.49 3.25 -10.81
CA THR E 177 37.34 4.44 -10.81
C THR E 177 38.16 4.53 -9.53
N LEU E 178 37.57 4.11 -8.40
CA LEU E 178 38.26 4.20 -7.12
C LEU E 178 39.16 3.00 -6.85
N ILE E 179 39.03 1.92 -7.62
CA ILE E 179 39.86 0.73 -7.40
C ILE E 179 41.00 0.63 -8.41
N VAL E 180 40.71 0.85 -9.70
CA VAL E 180 41.67 0.54 -10.76
C VAL E 180 42.60 1.72 -11.00
N MET E 181 42.06 2.89 -11.33
CA MET E 181 42.91 4.04 -11.62
C MET E 181 43.91 4.33 -10.52
N PRO E 182 43.55 4.34 -9.24
CA PRO E 182 44.59 4.48 -8.22
C PRO E 182 45.58 3.32 -8.23
N LEU E 183 45.11 2.11 -8.52
CA LEU E 183 46.01 0.97 -8.61
C LEU E 183 46.96 1.11 -9.80
N ASP E 184 46.42 1.44 -10.97
CA ASP E 184 47.27 1.57 -12.15
C ASP E 184 48.27 2.71 -11.96
N GLY E 185 47.83 3.83 -11.40
CA GLY E 185 48.75 4.92 -11.14
C GLY E 185 49.83 4.56 -10.14
N MET E 186 49.44 3.83 -9.07
CA MET E 186 50.40 3.49 -8.04
C MET E 186 51.50 2.60 -8.60
N TRP E 187 51.15 1.60 -9.41
CA TRP E 187 52.18 0.80 -10.07
C TRP E 187 53.02 1.66 -11.00
N ASN E 188 52.38 2.53 -11.77
CA ASN E 188 53.13 3.31 -12.73
C ASN E 188 54.12 4.28 -12.05
N ILE E 189 53.62 5.17 -11.20
CA ILE E 189 54.51 6.12 -10.54
C ILE E 189 55.45 5.40 -9.59
N THR E 190 54.94 4.44 -8.82
CA THR E 190 55.74 3.63 -7.91
C THR E 190 55.92 2.27 -8.56
N VAL E 191 56.94 2.14 -9.41
CA VAL E 191 57.17 0.89 -10.11
C VAL E 191 57.48 -0.21 -9.11
N GLN E 192 57.37 -1.46 -9.57
CA GLN E 192 57.65 -2.65 -8.78
C GLN E 192 56.50 -2.90 -7.81
N TRP E 193 56.06 -4.16 -7.75
CA TRP E 193 54.93 -4.56 -6.91
C TRP E 193 55.42 -5.66 -5.97
N TYR E 194 55.54 -5.34 -4.69
CA TYR E 194 55.98 -6.27 -3.67
C TYR E 194 55.04 -6.27 -2.46
N ALA E 195 53.88 -5.63 -2.56
CA ALA E 195 53.03 -5.45 -1.40
C ALA E 195 52.56 -6.78 -0.81
N GLY E 196 52.64 -7.86 -1.58
CA GLY E 196 52.29 -9.18 -1.09
C GLY E 196 51.58 -10.00 -2.16
N GLU E 197 51.84 -11.31 -2.14
CA GLU E 197 51.19 -12.19 -3.11
C GLU E 197 49.68 -12.17 -2.93
N PHE E 198 49.21 -12.30 -1.69
CA PHE E 198 47.77 -12.27 -1.44
C PHE E 198 47.18 -10.91 -1.76
N LEU E 199 47.88 -9.83 -1.41
CA LEU E 199 47.37 -8.51 -1.71
C LEU E 199 47.27 -8.29 -3.22
N CYS E 200 48.30 -8.71 -3.97
CA CYS E 200 48.23 -8.56 -5.41
C CYS E 200 47.11 -9.42 -5.98
N LYS E 201 46.89 -10.59 -5.41
CA LYS E 201 45.87 -11.47 -5.94
C LYS E 201 44.47 -10.87 -5.71
N VAL E 202 44.24 -10.29 -4.54
CA VAL E 202 42.94 -9.68 -4.28
C VAL E 202 42.76 -8.42 -5.13
N LEU E 203 43.82 -7.64 -5.33
CA LEU E 203 43.69 -6.44 -6.13
C LEU E 203 43.48 -6.76 -7.61
N SER E 204 44.15 -7.81 -8.11
CA SER E 204 43.96 -8.25 -9.48
C SER E 204 42.65 -8.99 -9.68
N TYR E 205 41.98 -9.36 -8.59
CA TYR E 205 40.58 -9.76 -8.67
C TYR E 205 39.68 -8.54 -8.77
N LEU E 206 39.89 -7.56 -7.88
CA LEU E 206 39.02 -6.40 -7.83
C LEU E 206 39.08 -5.60 -9.13
N LYS E 207 40.26 -5.53 -9.75
CA LYS E 207 40.42 -4.82 -11.01
C LYS E 207 39.51 -5.41 -12.08
N LEU E 208 39.70 -6.69 -12.40
CA LEU E 208 38.90 -7.32 -13.45
C LEU E 208 37.43 -7.39 -13.06
N PHE E 209 37.12 -7.43 -11.75
CA PHE E 209 35.74 -7.42 -11.31
C PHE E 209 35.08 -6.07 -11.62
N SER E 210 35.75 -4.98 -11.27
CA SER E 210 35.23 -3.65 -11.55
C SER E 210 35.21 -3.36 -13.03
N MET E 211 36.00 -4.13 -13.80
CA MET E 211 36.06 -3.99 -15.26
C MET E 211 34.90 -4.70 -15.90
N TYR E 212 34.58 -5.87 -15.39
CA TYR E 212 33.39 -6.57 -15.88
C TYR E 212 32.11 -5.83 -15.53
N ALA E 213 32.03 -5.27 -14.32
CA ALA E 213 30.75 -4.73 -13.85
C ALA E 213 30.10 -3.75 -14.83
N PRO E 214 30.79 -2.72 -15.32
CA PRO E 214 30.14 -1.81 -16.28
C PRO E 214 29.63 -2.50 -17.53
N ALA E 215 30.38 -3.47 -18.07
CA ALA E 215 29.94 -4.13 -19.30
C ALA E 215 28.67 -4.93 -19.07
N PHE E 216 28.62 -5.69 -17.98
CA PHE E 216 27.41 -6.45 -17.67
C PHE E 216 26.24 -5.51 -17.40
N MET E 217 26.49 -4.37 -16.75
CA MET E 217 25.41 -3.42 -16.53
C MET E 217 24.89 -2.85 -17.84
N MET E 218 25.79 -2.57 -18.80
CA MET E 218 25.37 -2.12 -20.11
C MET E 218 24.51 -3.17 -20.80
N VAL E 219 24.92 -4.43 -20.70
CA VAL E 219 24.14 -5.49 -21.31
C VAL E 219 22.75 -5.57 -20.67
N VAL E 220 22.70 -5.45 -19.34
CA VAL E 220 21.42 -5.52 -18.64
C VAL E 220 20.52 -4.37 -19.06
N ILE E 221 21.07 -3.16 -19.18
CA ILE E 221 20.27 -2.02 -19.61
C ILE E 221 19.72 -2.25 -21.01
N SER E 222 20.57 -2.74 -21.92
CA SER E 222 20.11 -3.00 -23.28
C SER E 222 19.00 -4.03 -23.31
N LEU E 223 19.16 -5.12 -22.55
CA LEU E 223 18.12 -6.14 -22.49
C LEU E 223 16.82 -5.59 -21.92
N ASP E 224 16.92 -4.75 -20.88
CA ASP E 224 15.71 -4.17 -20.31
C ASP E 224 14.99 -3.29 -21.32
N ARG E 225 15.74 -2.47 -22.05
CA ARG E 225 15.12 -1.62 -23.07
C ARG E 225 14.44 -2.48 -24.14
N SER E 226 15.14 -3.52 -24.61
CA SER E 226 14.58 -4.37 -25.65
C SER E 226 13.32 -5.07 -25.18
N LEU E 227 13.31 -5.59 -23.95
CA LEU E 227 12.13 -6.25 -23.44
C LEU E 227 10.98 -5.26 -23.25
N ALA E 228 11.29 -4.04 -22.81
CA ALA E 228 10.25 -3.04 -22.61
C ALA E 228 9.59 -2.65 -23.91
N ILE E 229 10.37 -2.45 -24.97
CA ILE E 229 9.79 -1.95 -26.22
C ILE E 229 9.23 -3.09 -27.07
N THR E 230 10.03 -4.14 -27.29
CA THR E 230 9.60 -5.20 -28.21
C THR E 230 8.36 -5.91 -27.69
N ARG E 231 8.34 -6.25 -26.40
CA ARG E 231 7.20 -6.95 -25.79
C ARG E 231 6.76 -6.15 -24.56
N PRO E 232 6.02 -5.06 -24.77
CA PRO E 232 5.64 -4.22 -23.62
C PRO E 232 4.61 -4.87 -22.72
N LEU E 233 3.60 -5.53 -23.29
CA LEU E 233 2.51 -6.07 -22.49
C LEU E 233 3.01 -7.11 -21.49
N ALA E 234 3.87 -8.03 -21.95
CA ALA E 234 4.29 -9.14 -21.11
C ALA E 234 5.54 -8.82 -20.28
N VAL E 235 6.48 -8.06 -20.85
CA VAL E 235 7.73 -7.80 -20.15
C VAL E 235 7.48 -7.06 -18.85
N LYS E 236 6.62 -6.04 -18.89
CA LYS E 236 6.32 -5.25 -17.69
C LYS E 236 5.52 -6.04 -16.65
N SER E 237 4.97 -7.20 -17.02
CA SER E 237 4.16 -7.96 -16.08
C SER E 237 4.99 -8.57 -14.96
N ASN E 238 6.28 -8.81 -15.18
CA ASN E 238 7.15 -9.45 -14.20
C ASN E 238 8.07 -8.40 -13.61
N SER E 239 7.91 -8.13 -12.32
CA SER E 239 8.78 -7.21 -11.59
C SER E 239 9.99 -7.91 -11.00
N ARG E 240 10.05 -9.24 -11.06
CA ARG E 240 11.22 -9.95 -10.54
C ARG E 240 12.47 -9.58 -11.31
N LEU E 241 12.35 -9.38 -12.63
CA LEU E 241 13.51 -9.05 -13.43
C LEU E 241 14.19 -7.76 -12.98
N GLY E 242 13.48 -6.89 -12.26
CA GLY E 242 14.10 -5.69 -11.76
C GLY E 242 15.28 -5.99 -10.85
N ARG E 243 15.17 -7.04 -10.04
CA ARG E 243 16.26 -7.48 -9.18
C ARG E 243 17.04 -8.64 -9.77
N PHE E 244 16.41 -9.47 -10.60
CA PHE E 244 17.08 -10.64 -11.15
C PHE E 244 18.30 -10.24 -12.00
N MET E 245 18.09 -9.34 -12.96
CA MET E 245 19.17 -8.97 -13.87
C MET E 245 20.26 -8.20 -13.15
N ILE E 246 19.87 -7.26 -12.27
CA ILE E 246 20.87 -6.49 -11.53
C ILE E 246 21.70 -7.40 -10.64
N GLY E 247 21.06 -8.38 -10.00
CA GLY E 247 21.82 -9.33 -9.20
C GLY E 247 22.74 -10.19 -10.05
N LEU E 248 22.23 -10.68 -11.19
CA LEU E 248 23.02 -11.57 -12.02
C LEU E 248 24.22 -10.86 -12.64
N ALA E 249 24.09 -9.56 -12.94
CA ALA E 249 25.24 -8.83 -13.47
C ALA E 249 26.41 -8.86 -12.48
N TRP E 250 26.14 -8.48 -11.24
CA TRP E 250 27.18 -8.52 -10.21
C TRP E 250 27.68 -9.95 -9.98
N LEU E 251 26.75 -10.91 -9.97
CA LEU E 251 27.13 -12.29 -9.69
C LEU E 251 28.08 -12.82 -10.77
N LEU E 252 27.76 -12.58 -12.03
CA LEU E 252 28.62 -13.02 -13.12
C LEU E 252 29.94 -12.28 -13.10
N SER E 253 29.92 -10.98 -12.78
CA SER E 253 31.18 -10.25 -12.64
C SER E 253 32.08 -10.92 -11.62
N SER E 254 31.54 -11.19 -10.43
CA SER E 254 32.34 -11.82 -9.37
C SER E 254 32.81 -13.21 -9.77
N ILE E 255 31.93 -13.99 -10.39
CA ILE E 255 32.26 -15.39 -10.67
C ILE E 255 33.32 -15.49 -11.77
N PHE E 256 33.20 -14.67 -12.82
CA PHE E 256 34.16 -14.72 -13.92
C PHE E 256 35.42 -13.90 -13.65
N ALA E 257 35.42 -13.03 -12.64
CA ALA E 257 36.60 -12.27 -12.29
C ALA E 257 37.52 -13.02 -11.34
N GLY E 258 37.10 -14.18 -10.83
CA GLY E 258 37.88 -14.95 -9.89
C GLY E 258 39.21 -15.44 -10.44
N PRO E 259 39.21 -16.03 -11.65
CA PRO E 259 40.41 -16.72 -12.13
C PRO E 259 41.70 -15.92 -11.99
N GLN E 260 41.60 -14.61 -11.84
CA GLN E 260 42.77 -13.79 -11.59
C GLN E 260 43.50 -14.22 -10.31
N LEU E 261 42.79 -14.80 -9.35
CA LEU E 261 43.41 -15.13 -8.07
C LEU E 261 44.57 -16.10 -8.26
N TYR E 262 44.36 -17.14 -9.07
CA TYR E 262 45.32 -18.23 -9.18
C TYR E 262 46.53 -17.87 -10.05
N ILE E 263 46.36 -16.97 -11.02
CA ILE E 263 47.42 -16.68 -11.97
C ILE E 263 48.35 -15.61 -11.41
N PHE E 264 47.80 -14.48 -11.01
CA PHE E 264 48.61 -13.35 -10.59
C PHE E 264 49.31 -13.66 -9.26
N ARG E 265 50.49 -13.05 -9.09
CA ARG E 265 51.26 -13.25 -7.88
C ARG E 265 52.49 -12.35 -7.93
N MET E 266 53.05 -12.02 -6.77
CA MET E 266 54.29 -11.24 -6.71
C MET E 266 55.44 -12.08 -7.23
N ILE E 267 56.25 -11.50 -8.12
CA ILE E 267 57.34 -12.22 -8.77
C ILE E 267 58.63 -11.45 -8.58
N HIS E 268 59.68 -12.18 -8.22
CA HIS E 268 61.01 -11.64 -8.01
C HIS E 268 61.99 -12.45 -8.85
N LEU E 269 63.00 -11.78 -9.39
CA LEU E 269 63.91 -12.41 -10.36
C LEU E 269 63.11 -12.98 -11.53
N GLY E 278 67.14 -8.63 -9.28
CA GLY E 278 66.08 -9.02 -8.36
C GLY E 278 64.85 -8.15 -8.46
N PHE E 279 64.42 -7.88 -9.69
CA PHE E 279 63.28 -7.00 -9.91
C PHE E 279 62.01 -7.52 -9.28
N SER E 280 61.05 -6.63 -9.06
CA SER E 280 59.76 -6.98 -8.48
C SER E 280 58.64 -6.50 -9.40
N GLN E 281 57.64 -7.36 -9.59
CA GLN E 281 56.40 -7.02 -10.27
C GLN E 281 55.51 -8.24 -10.22
N CYS E 282 54.21 -8.02 -10.41
CA CYS E 282 53.20 -9.04 -10.22
C CYS E 282 52.70 -9.49 -11.59
N VAL E 283 53.09 -10.71 -12.00
CA VAL E 283 52.96 -11.15 -13.37
C VAL E 283 52.40 -12.57 -13.39
N THR E 284 51.89 -12.96 -14.55
CA THR E 284 51.28 -14.27 -14.78
C THR E 284 52.27 -15.30 -15.31
N HIS E 285 53.57 -15.00 -15.28
CA HIS E 285 54.55 -15.90 -15.89
C HIS E 285 54.66 -17.18 -15.06
N GLY E 286 54.48 -18.32 -15.71
CA GLY E 286 54.63 -19.60 -15.05
C GLY E 286 53.32 -20.24 -14.64
N SER E 287 52.34 -19.43 -14.23
CA SER E 287 51.04 -19.97 -13.88
C SER E 287 50.46 -20.74 -15.05
N PHE E 288 50.49 -20.15 -16.24
CA PHE E 288 49.99 -20.81 -17.43
C PHE E 288 51.12 -21.58 -18.09
N PRO E 289 50.98 -22.91 -18.29
CA PRO E 289 52.12 -23.67 -18.83
C PRO E 289 52.59 -23.17 -20.20
N GLN E 290 51.70 -22.69 -21.05
CA GLN E 290 52.05 -22.37 -22.42
C GLN E 290 51.41 -21.05 -22.82
N TRP E 291 51.97 -20.44 -23.87
CA TRP E 291 51.37 -19.24 -24.44
C TRP E 291 49.98 -19.51 -25.01
N TRP E 292 49.69 -20.77 -25.35
CA TRP E 292 48.34 -21.11 -25.80
C TRP E 292 47.33 -20.81 -24.70
N HIS E 293 47.62 -21.19 -23.46
CA HIS E 293 46.70 -20.94 -22.36
C HIS E 293 46.57 -19.43 -22.11
N GLN E 294 47.68 -18.69 -22.21
CA GLN E 294 47.61 -17.25 -22.05
C GLN E 294 46.70 -16.63 -23.11
N ALA E 295 46.84 -17.06 -24.36
CA ALA E 295 45.96 -16.58 -25.41
C ALA E 295 44.52 -16.96 -25.12
N PHE E 296 44.29 -18.17 -24.62
CA PHE E 296 42.93 -18.62 -24.36
C PHE E 296 42.26 -17.76 -23.31
N TYR E 297 42.95 -17.54 -22.18
CA TYR E 297 42.37 -16.74 -21.11
C TYR E 297 42.20 -15.29 -21.54
N ASN E 298 43.19 -14.75 -22.26
CA ASN E 298 43.08 -13.38 -22.76
C ASN E 298 41.89 -13.24 -23.70
N PHE E 299 41.69 -14.21 -24.59
CA PHE E 299 40.57 -14.15 -25.51
C PHE E 299 39.24 -14.31 -24.78
N PHE E 300 39.20 -15.14 -23.74
CA PHE E 300 37.97 -15.29 -22.96
C PHE E 300 37.60 -13.97 -22.30
N THR E 301 38.57 -13.33 -21.63
CA THR E 301 38.27 -12.04 -21.01
C THR E 301 37.91 -10.99 -22.05
N PHE E 302 38.57 -11.04 -23.21
CA PHE E 302 38.24 -10.12 -24.29
C PHE E 302 36.78 -10.30 -24.72
N SER E 303 36.36 -11.55 -24.91
CA SER E 303 34.99 -11.80 -25.32
C SER E 303 34.00 -11.34 -24.26
N CYS E 304 34.30 -11.61 -22.99
CA CYS E 304 33.38 -11.24 -21.93
C CYS E 304 33.38 -9.74 -21.66
N LEU E 305 34.41 -9.02 -22.12
CA LEU E 305 34.54 -7.60 -21.85
C LEU E 305 34.03 -6.73 -22.98
N PHE E 306 34.46 -6.99 -24.22
CA PHE E 306 34.27 -6.07 -25.32
C PHE E 306 33.30 -6.58 -26.38
N ILE E 307 33.56 -7.76 -26.95
CA ILE E 307 32.83 -8.16 -28.14
C ILE E 307 31.38 -8.47 -27.81
N ILE E 308 31.14 -9.20 -26.73
CA ILE E 308 29.82 -9.74 -26.44
C ILE E 308 28.91 -8.63 -25.92
N PRO E 309 29.34 -7.78 -24.98
CA PRO E 309 28.47 -6.67 -24.56
C PRO E 309 28.10 -5.75 -25.71
N LEU E 310 29.06 -5.44 -26.59
CA LEU E 310 28.75 -4.58 -27.73
C LEU E 310 27.78 -5.26 -28.68
N LEU E 311 28.00 -6.55 -28.94
CA LEU E 311 27.09 -7.28 -29.82
C LEU E 311 25.68 -7.31 -29.24
N ILE E 312 25.53 -7.51 -27.92
CA ILE E 312 24.16 -7.60 -27.40
C ILE E 312 23.55 -6.21 -27.39
N MET E 313 24.29 -5.17 -27.04
CA MET E 313 23.69 -3.84 -27.12
C MET E 313 23.20 -3.56 -28.54
N LEU E 314 24.04 -3.85 -29.53
CA LEU E 314 23.65 -3.60 -30.92
C LEU E 314 22.44 -4.44 -31.30
N ILE E 315 22.41 -5.71 -30.88
CA ILE E 315 21.29 -6.58 -31.24
C ILE E 315 20.01 -6.10 -30.57
N CYS E 316 20.08 -5.72 -29.29
CA CYS E 316 18.89 -5.27 -28.59
C CYS E 316 18.33 -4.00 -29.23
N ASN E 317 19.20 -3.03 -29.52
CA ASN E 317 18.70 -1.83 -30.18
C ASN E 317 18.23 -2.11 -31.60
N ALA E 318 18.84 -3.08 -32.27
CA ALA E 318 18.37 -3.46 -33.60
C ALA E 318 16.96 -4.04 -33.53
N LYS E 319 16.68 -4.87 -32.53
CA LYS E 319 15.33 -5.39 -32.37
C LYS E 319 14.36 -4.28 -32.02
N ILE E 320 14.78 -3.31 -31.21
CA ILE E 320 13.92 -2.17 -30.91
C ILE E 320 13.57 -1.43 -32.19
N MET E 321 14.56 -1.17 -33.03
CA MET E 321 14.30 -0.46 -34.28
C MET E 321 13.44 -1.29 -35.22
N PHE E 322 13.64 -2.61 -35.25
CA PHE E 322 12.81 -3.47 -36.08
C PHE E 322 11.36 -3.43 -35.63
N THR E 323 11.12 -3.47 -34.32
CA THR E 323 9.75 -3.39 -33.82
C THR E 323 9.12 -2.04 -34.15
N LEU E 324 9.89 -0.96 -33.98
CA LEU E 324 9.35 0.36 -34.33
C LEU E 324 9.03 0.44 -35.82
N THR E 325 9.89 -0.13 -36.66
CA THR E 325 9.63 -0.14 -38.10
C THR E 325 8.36 -0.92 -38.42
N ARG E 326 8.19 -2.09 -37.79
CA ARG E 326 6.97 -2.85 -38.01
C ARG E 326 5.75 -2.06 -37.59
N VAL E 327 5.83 -1.34 -36.47
CA VAL E 327 4.73 -0.50 -36.05
C VAL E 327 4.43 0.56 -37.10
N LEU E 328 5.47 1.21 -37.61
CA LEU E 328 5.27 2.21 -38.66
C LEU E 328 4.81 1.57 -39.96
N GLN E 329 5.38 0.42 -40.31
CA GLN E 329 4.99 -0.29 -41.53
C GLN E 329 3.57 -0.84 -41.41
N ASN E 342 3.10 9.24 -34.88
CA ASN E 342 3.32 10.49 -34.14
C ASN E 342 4.73 10.54 -33.57
N ASN E 343 4.92 9.91 -32.41
CA ASN E 343 6.21 9.90 -31.73
C ASN E 343 7.09 8.73 -32.11
N ILE E 344 6.59 7.78 -32.89
CA ILE E 344 7.41 6.63 -33.28
C ILE E 344 8.64 7.07 -34.07
N PRO E 345 8.55 7.96 -35.06
CA PRO E 345 9.77 8.39 -35.76
C PRO E 345 10.79 9.07 -34.84
N ARG E 346 10.34 9.90 -33.90
CA ARG E 346 11.27 10.56 -33.00
C ARG E 346 12.00 9.54 -32.13
N ALA E 347 11.27 8.57 -31.58
CA ALA E 347 11.91 7.51 -30.80
C ALA E 347 12.84 6.67 -31.65
N ARG E 348 12.48 6.43 -32.90
CA ARG E 348 13.36 5.68 -33.80
C ARG E 348 14.67 6.42 -34.02
N LEU E 349 14.58 7.74 -34.26
CA LEU E 349 15.79 8.53 -34.43
C LEU E 349 16.64 8.53 -33.17
N ARG E 350 16.00 8.67 -32.00
CA ARG E 350 16.78 8.68 -30.77
C ARG E 350 17.42 7.33 -30.46
N THR E 351 16.73 6.22 -30.77
CA THR E 351 17.34 4.92 -30.54
C THR E 351 18.52 4.69 -31.50
N LEU E 352 18.39 5.12 -32.76
CA LEU E 352 19.53 5.01 -33.67
C LEU E 352 20.70 5.85 -33.17
N LYS E 353 20.42 7.09 -32.75
CA LYS E 353 21.47 7.95 -32.21
C LYS E 353 22.13 7.31 -31.00
N MET E 354 21.33 6.76 -30.10
CA MET E 354 21.86 6.15 -28.88
C MET E 354 22.72 4.94 -29.20
N THR E 355 22.25 4.09 -30.11
CA THR E 355 23.03 2.91 -30.49
C THR E 355 24.37 3.32 -31.07
N VAL E 356 24.36 4.25 -32.03
CA VAL E 356 25.61 4.66 -32.65
C VAL E 356 26.51 5.35 -31.64
N ALA E 357 25.94 6.16 -30.74
CA ALA E 357 26.74 6.88 -29.76
C ALA E 357 27.42 5.93 -28.78
N PHE E 358 26.66 4.98 -28.24
CA PHE E 358 27.26 4.01 -27.31
C PHE E 358 28.28 3.14 -28.03
N ALA E 359 27.97 2.69 -29.24
CA ALA E 359 28.95 1.90 -29.99
C ALA E 359 30.23 2.70 -30.20
N ALA E 360 30.10 3.95 -30.61
CA ALA E 360 31.29 4.78 -30.87
C ALA E 360 32.09 5.00 -29.59
N SER E 361 31.42 5.32 -28.48
CA SER E 361 32.15 5.54 -27.24
C SER E 361 32.88 4.28 -26.80
N PHE E 362 32.18 3.15 -26.79
CA PHE E 362 32.78 1.91 -26.32
C PHE E 362 33.94 1.51 -27.23
N ILE E 363 33.74 1.65 -28.53
CA ILE E 363 34.77 1.29 -29.46
C ILE E 363 35.98 2.20 -29.23
N VAL E 364 35.77 3.52 -29.24
CA VAL E 364 36.88 4.45 -29.07
C VAL E 364 37.66 4.11 -27.80
N CYS E 365 36.95 3.81 -26.71
CA CYS E 365 37.63 3.54 -25.46
C CYS E 365 38.45 2.26 -25.51
N TRP E 366 37.89 1.18 -26.06
CA TRP E 366 38.51 -0.13 -25.94
C TRP E 366 39.12 -0.65 -27.24
N THR E 367 39.31 0.24 -28.21
CA THR E 367 40.02 -0.15 -29.41
C THR E 367 41.52 -0.10 -29.16
N PRO E 368 42.06 1.03 -28.69
CA PRO E 368 43.52 1.16 -28.58
C PRO E 368 44.10 0.19 -27.54
N TYR E 369 43.43 0.15 -26.39
CA TYR E 369 43.74 -0.81 -25.34
C TYR E 369 43.97 -2.19 -25.94
N TYR E 370 42.95 -2.72 -26.61
CA TYR E 370 43.04 -4.07 -27.13
C TYR E 370 43.85 -4.18 -28.42
N VAL E 371 44.14 -3.07 -29.11
CA VAL E 371 45.08 -3.12 -30.22
C VAL E 371 46.48 -3.41 -29.72
N LEU E 372 46.92 -2.63 -28.72
CA LEU E 372 48.20 -2.96 -28.08
C LEU E 372 48.14 -4.34 -27.45
N GLY E 373 47.01 -4.68 -26.83
CA GLY E 373 46.88 -5.99 -26.24
C GLY E 373 47.07 -7.11 -27.24
N ILE E 374 46.41 -7.01 -28.40
CA ILE E 374 46.48 -8.08 -29.39
C ILE E 374 47.86 -8.13 -30.02
N TRP E 375 48.46 -6.95 -30.28
CA TRP E 375 49.83 -6.93 -30.76
C TRP E 375 50.74 -7.71 -29.83
N TYR E 376 50.69 -7.41 -28.53
CA TYR E 376 51.50 -8.16 -27.57
C TYR E 376 51.09 -9.62 -27.52
N TRP E 377 49.79 -9.89 -27.65
CA TRP E 377 49.26 -11.22 -27.37
C TRP E 377 49.74 -12.21 -28.42
N PHE E 378 49.70 -11.81 -29.70
CA PHE E 378 50.12 -12.71 -30.76
C PHE E 378 51.62 -12.68 -30.97
N ASP E 379 52.24 -11.50 -30.80
CA ASP E 379 53.68 -11.31 -30.95
C ASP E 379 54.20 -10.69 -29.66
N PRO E 380 54.58 -11.51 -28.67
CA PRO E 380 55.00 -10.95 -27.38
C PRO E 380 56.25 -10.10 -27.46
N GLU E 381 56.99 -10.16 -28.58
CA GLU E 381 58.26 -9.46 -28.68
C GLU E 381 58.11 -7.95 -28.79
N MET E 382 56.89 -7.43 -28.97
CA MET E 382 56.73 -6.02 -29.27
C MET E 382 57.41 -5.13 -28.24
N VAL E 383 57.45 -5.57 -26.97
CA VAL E 383 58.09 -4.75 -25.94
C VAL E 383 59.55 -4.53 -26.29
N ASN E 384 60.24 -5.59 -26.72
CA ASN E 384 61.60 -5.43 -27.23
C ASN E 384 61.62 -4.73 -28.57
N ARG E 385 60.53 -4.81 -29.34
CA ARG E 385 60.30 -3.89 -30.46
C ARG E 385 59.89 -2.54 -29.89
N VAL E 386 60.85 -1.92 -29.21
CA VAL E 386 60.54 -0.88 -28.23
C VAL E 386 59.78 0.26 -28.87
N SER E 387 58.70 0.68 -28.21
CA SER E 387 58.01 1.94 -28.52
C SER E 387 57.42 2.42 -27.19
N ASP E 388 58.19 3.26 -26.48
CA ASP E 388 57.83 3.58 -25.10
C ASP E 388 56.54 4.37 -25.01
N PRO E 389 56.38 5.52 -25.67
CA PRO E 389 55.09 6.22 -25.63
C PRO E 389 53.95 5.35 -26.11
N VAL E 390 54.20 4.46 -27.08
CA VAL E 390 53.18 3.52 -27.49
C VAL E 390 52.77 2.63 -26.31
N ASN E 391 53.76 2.08 -25.63
CA ASN E 391 53.47 1.18 -24.53
C ASN E 391 52.82 1.91 -23.36
N HIS E 392 52.93 3.24 -23.31
CA HIS E 392 52.42 3.99 -22.17
C HIS E 392 51.02 4.55 -22.40
N PHE E 393 50.83 5.30 -23.50
CA PHE E 393 49.72 6.23 -23.59
C PHE E 393 48.45 5.65 -24.19
N PHE E 394 48.49 4.46 -24.77
CA PHE E 394 47.25 3.89 -25.32
C PHE E 394 46.35 3.34 -24.23
N PHE E 395 46.91 2.73 -23.19
CA PHE E 395 46.09 2.21 -22.10
C PHE E 395 45.54 3.30 -21.21
N LEU E 396 45.79 4.57 -21.52
CA LEU E 396 45.14 5.65 -20.80
C LEU E 396 43.70 5.85 -21.23
N PHE E 397 43.32 5.36 -22.41
CA PHE E 397 42.00 5.63 -22.94
C PHE E 397 40.94 4.73 -22.32
N ALA E 398 41.29 3.48 -21.98
CA ALA E 398 40.28 2.57 -21.45
C ALA E 398 39.63 3.10 -20.18
N PHE E 399 40.29 4.01 -19.48
CA PHE E 399 39.67 4.67 -18.33
C PHE E 399 38.74 5.80 -18.74
N LEU E 400 38.61 6.06 -20.04
CA LEU E 400 37.62 7.04 -20.50
C LEU E 400 36.21 6.48 -20.40
N ASN E 401 36.06 5.16 -20.55
CA ASN E 401 34.73 4.56 -20.45
C ASN E 401 34.04 4.90 -19.13
N PRO E 402 34.67 4.74 -17.97
CA PRO E 402 34.03 5.23 -16.75
C PRO E 402 33.75 6.72 -16.80
N CYS E 403 34.56 7.48 -17.52
CA CYS E 403 34.30 8.91 -17.68
C CYS E 403 33.17 9.18 -18.67
N PHE E 404 33.11 8.41 -19.75
CA PHE E 404 32.13 8.66 -20.79
C PHE E 404 30.73 8.19 -20.39
N ASP E 405 30.63 7.10 -19.66
CA ASP E 405 29.32 6.56 -19.30
C ASP E 405 28.41 7.60 -18.67
N PRO E 406 28.81 8.34 -17.64
CA PRO E 406 27.89 9.32 -17.06
C PRO E 406 27.40 10.36 -18.06
N LEU E 407 28.31 10.91 -18.84
CA LEU E 407 27.95 11.95 -19.78
C LEU E 407 26.98 11.47 -20.82
N ILE E 408 27.30 10.35 -21.46
CA ILE E 408 26.47 9.85 -22.54
C ILE E 408 25.10 9.42 -22.02
N TYR E 409 25.08 8.70 -20.89
CA TYR E 409 23.79 8.26 -20.34
C TYR E 409 22.95 9.45 -19.89
N GLY E 410 23.58 10.47 -19.31
CA GLY E 410 22.82 11.64 -18.89
C GLY E 410 22.24 12.41 -20.06
N TYR E 411 23.00 12.53 -21.15
CA TYR E 411 22.48 13.26 -22.31
C TYR E 411 21.40 12.46 -23.02
N PHE E 412 21.62 11.17 -23.22
CA PHE E 412 20.70 10.34 -23.97
C PHE E 412 19.64 9.67 -23.10
N SER E 413 19.64 9.93 -21.80
CA SER E 413 18.64 9.40 -20.89
C SER E 413 18.54 10.32 -19.69
N LEU E 414 17.82 9.88 -18.66
CA LEU E 414 17.67 10.67 -17.45
C LEU E 414 16.90 9.88 -16.39
N VAL F 39 -19.97 -23.80 18.70
CA VAL F 39 -18.62 -24.33 18.85
C VAL F 39 -18.63 -25.56 19.74
N GLN F 40 -17.83 -26.55 19.37
CA GLN F 40 -17.69 -27.75 20.20
C GLN F 40 -16.46 -28.52 19.74
N LEU F 41 -15.69 -29.00 20.70
CA LEU F 41 -14.50 -29.82 20.44
C LEU F 41 -14.71 -31.22 21.00
N VAL F 42 -14.10 -32.20 20.35
CA VAL F 42 -14.20 -33.59 20.76
C VAL F 42 -12.79 -34.18 20.78
N GLU F 43 -12.54 -35.05 21.75
CA GLU F 43 -11.25 -35.73 21.88
C GLU F 43 -11.49 -37.23 21.84
N SER F 44 -10.58 -37.94 21.16
CA SER F 44 -10.70 -39.38 20.98
C SER F 44 -9.49 -40.08 21.60
N GLY F 45 -9.74 -41.26 22.15
CA GLY F 45 -8.73 -41.99 22.89
C GLY F 45 -9.36 -42.88 23.93
N GLY F 46 -8.97 -42.72 25.19
CA GLY F 46 -9.51 -43.52 26.27
C GLY F 46 -9.09 -44.98 26.19
N GLY F 47 -9.25 -45.70 27.30
CA GLY F 47 -8.92 -47.11 27.37
C GLY F 47 -7.76 -47.38 28.29
N LEU F 48 -7.16 -48.55 28.11
CA LEU F 48 -6.03 -49.00 28.91
C LEU F 48 -4.84 -49.28 28.02
N VAL F 49 -3.65 -48.89 28.47
CA VAL F 49 -2.40 -49.13 27.75
C VAL F 49 -1.39 -49.69 28.72
N GLN F 50 -0.73 -50.77 28.33
CA GLN F 50 0.29 -51.38 29.18
C GLN F 50 1.47 -50.42 29.33
N PRO F 51 2.09 -50.36 30.52
CA PRO F 51 3.22 -49.46 30.70
C PRO F 51 4.33 -49.75 29.69
N GLY F 52 4.93 -48.67 29.18
CA GLY F 52 5.91 -48.76 28.13
C GLY F 52 5.34 -48.76 26.74
N GLY F 53 4.03 -48.99 26.59
CA GLY F 53 3.41 -49.00 25.29
C GLY F 53 3.22 -47.61 24.73
N SER F 54 2.22 -47.44 23.87
CA SER F 54 1.96 -46.15 23.25
C SER F 54 0.51 -46.13 22.76
N ARG F 55 0.00 -44.92 22.53
CA ARG F 55 -1.30 -44.71 21.93
C ARG F 55 -1.49 -43.23 21.67
N LYS F 56 -2.22 -42.90 20.60
CA LYS F 56 -2.31 -41.53 20.12
C LYS F 56 -3.70 -40.96 20.42
N LEU F 57 -3.73 -39.68 20.77
CA LEU F 57 -4.98 -38.96 21.00
C LEU F 57 -5.28 -38.07 19.79
N SER F 58 -6.54 -38.08 19.36
CA SER F 58 -6.97 -37.28 18.22
C SER F 58 -8.18 -36.45 18.64
N CYS F 59 -8.15 -35.16 18.31
CA CYS F 59 -9.22 -34.23 18.63
C CYS F 59 -9.92 -33.81 17.35
N SER F 60 -11.26 -33.85 17.38
CA SER F 60 -12.09 -33.47 16.24
C SER F 60 -12.82 -32.18 16.58
N ALA F 61 -12.83 -31.25 15.63
CA ALA F 61 -13.42 -29.93 15.82
C ALA F 61 -14.59 -29.75 14.86
N SER F 62 -15.51 -28.86 15.23
CA SER F 62 -16.67 -28.56 14.40
C SER F 62 -17.26 -27.23 14.83
N GLY F 63 -17.23 -26.25 13.94
CA GLY F 63 -17.94 -25.00 14.17
C GLY F 63 -17.08 -23.80 14.48
N PHE F 64 -15.91 -23.68 13.84
CA PHE F 64 -15.10 -22.48 13.95
C PHE F 64 -13.93 -22.61 12.98
N ALA F 65 -13.25 -21.48 12.77
CA ALA F 65 -12.09 -21.44 11.88
C ALA F 65 -10.88 -22.08 12.55
N PHE F 66 -10.76 -23.40 12.45
CA PHE F 66 -9.67 -24.11 13.10
C PHE F 66 -8.32 -23.59 12.64
N SER F 67 -8.21 -23.11 11.40
CA SER F 67 -6.92 -22.69 10.87
C SER F 67 -6.40 -21.43 11.58
N SER F 68 -7.29 -20.51 11.92
CA SER F 68 -6.87 -19.27 12.56
C SER F 68 -6.68 -19.40 14.06
N PHE F 69 -6.93 -20.58 14.62
CA PHE F 69 -6.83 -20.81 16.06
C PHE F 69 -5.68 -21.77 16.37
N GLY F 70 -5.01 -21.51 17.48
CA GLY F 70 -4.07 -22.45 18.03
C GLY F 70 -4.78 -23.54 18.82
N MET F 71 -3.98 -24.48 19.33
CA MET F 71 -4.52 -25.58 20.10
C MET F 71 -3.57 -25.91 21.24
N HIS F 72 -4.14 -26.40 22.34
CA HIS F 72 -3.38 -26.76 23.53
C HIS F 72 -3.84 -28.12 24.03
N TRP F 73 -2.98 -28.77 24.79
CA TRP F 73 -3.30 -30.01 25.50
C TRP F 73 -3.01 -29.81 26.97
N VAL F 74 -3.98 -30.15 27.83
CA VAL F 74 -3.85 -30.04 29.27
C VAL F 74 -4.26 -31.36 29.89
N ARG F 75 -3.39 -31.93 30.72
CA ARG F 75 -3.64 -33.20 31.36
C ARG F 75 -4.13 -32.98 32.78
N GLN F 76 -4.69 -34.05 33.35
CA GLN F 76 -5.16 -34.01 34.75
C GLN F 76 -5.23 -35.44 35.25
N ALA F 77 -4.35 -35.79 36.18
CA ALA F 77 -4.40 -37.10 36.78
C ALA F 77 -5.66 -37.24 37.62
N PRO F 78 -6.18 -38.47 37.77
CA PRO F 78 -7.44 -38.63 38.52
C PRO F 78 -7.31 -38.08 39.93
N GLU F 79 -8.32 -37.33 40.35
CA GLU F 79 -8.33 -36.70 41.68
C GLU F 79 -7.05 -35.90 41.91
N LYS F 80 -6.64 -35.13 40.89
CA LYS F 80 -5.43 -34.33 40.97
C LYS F 80 -5.67 -33.03 40.20
N GLY F 81 -4.60 -32.24 40.06
CA GLY F 81 -4.68 -30.95 39.40
C GLY F 81 -4.35 -31.04 37.93
N LEU F 82 -4.22 -29.86 37.31
CA LEU F 82 -3.96 -29.74 35.89
C LEU F 82 -2.46 -29.63 35.62
N GLU F 83 -2.10 -29.81 34.35
CA GLU F 83 -0.70 -29.69 33.94
C GLU F 83 -0.66 -29.54 32.42
N TRP F 84 -0.07 -28.44 31.95
CA TRP F 84 0.02 -28.20 30.52
C TRP F 84 0.90 -29.26 29.87
N VAL F 85 0.48 -29.73 28.69
CA VAL F 85 1.11 -30.86 28.03
C VAL F 85 1.92 -30.41 26.80
N ALA F 86 1.28 -29.71 25.88
CA ALA F 86 1.96 -29.35 24.63
C ALA F 86 1.30 -28.09 24.07
N TYR F 87 1.66 -27.75 22.83
CA TYR F 87 1.15 -26.56 22.17
C TYR F 87 1.46 -26.61 20.68
N ILE F 88 0.46 -26.38 19.84
CA ILE F 88 0.62 -26.30 18.40
C ILE F 88 -0.13 -25.08 17.91
N SER F 89 0.56 -24.22 17.17
CA SER F 89 -0.02 -22.98 16.68
C SER F 89 -0.43 -23.10 15.22
N SER F 90 -1.20 -22.12 14.77
CA SER F 90 -1.58 -22.06 13.36
C SER F 90 -0.33 -22.03 12.49
N GLY F 91 -0.36 -22.80 11.40
CA GLY F 91 0.80 -22.95 10.56
C GLY F 91 1.82 -23.95 11.05
N SER F 92 1.64 -24.47 12.27
CA SER F 92 2.55 -25.46 12.84
C SER F 92 4.00 -24.97 12.81
N GLY F 93 4.19 -23.66 12.96
CA GLY F 93 5.50 -23.06 13.01
C GLY F 93 5.97 -22.67 14.40
N THR F 94 5.25 -23.08 15.44
CA THR F 94 5.63 -22.74 16.81
C THR F 94 5.09 -23.85 17.71
N ILE F 95 5.96 -24.79 18.09
CA ILE F 95 5.58 -25.94 18.89
C ILE F 95 6.34 -25.89 20.21
N TYR F 96 5.59 -25.98 21.31
CA TYR F 96 6.17 -26.07 22.64
C TYR F 96 5.80 -27.40 23.26
N TYR F 97 6.65 -27.90 24.14
CA TYR F 97 6.38 -29.15 24.83
C TYR F 97 6.70 -29.00 26.31
N ALA F 98 6.02 -29.79 27.13
CA ALA F 98 6.27 -29.78 28.55
C ALA F 98 7.61 -30.45 28.85
N ASP F 99 8.20 -30.09 29.99
CA ASP F 99 9.49 -30.63 30.37
C ASP F 99 9.45 -32.14 30.55
N THR F 100 8.24 -32.68 30.78
CA THR F 100 8.07 -34.10 31.03
C THR F 100 7.30 -34.78 29.93
N VAL F 101 7.32 -34.25 28.72
CA VAL F 101 6.68 -34.90 27.57
C VAL F 101 7.56 -34.78 26.33
N LYS F 102 8.48 -33.82 26.33
CA LYS F 102 9.26 -33.52 25.13
C LYS F 102 9.83 -34.80 24.53
N GLY F 103 9.92 -34.81 23.21
CA GLY F 103 10.46 -35.96 22.49
C GLY F 103 9.51 -37.14 22.47
N ARG F 104 9.08 -37.62 23.62
CA ARG F 104 8.20 -38.78 23.62
C ARG F 104 6.92 -38.43 22.93
N PHE F 105 6.30 -37.34 23.34
CA PHE F 105 5.01 -36.94 22.79
C PHE F 105 5.23 -35.86 21.74
N THR F 106 4.52 -35.97 20.62
CA THR F 106 4.58 -34.98 19.57
C THR F 106 3.17 -34.52 19.22
N ILE F 107 3.06 -33.24 18.86
CA ILE F 107 1.78 -32.62 18.56
C ILE F 107 1.75 -32.26 17.08
N SER F 108 0.68 -32.65 16.40
CA SER F 108 0.51 -32.38 14.98
C SER F 108 -0.94 -32.03 14.69
N ARG F 109 -1.15 -31.05 13.82
CA ARG F 109 -2.48 -30.60 13.44
C ARG F 109 -2.64 -30.72 11.94
N ASP F 110 -3.86 -31.07 11.51
CA ASP F 110 -4.20 -31.24 10.09
C ASP F 110 -5.30 -30.25 9.76
N ASP F 111 -4.92 -29.09 9.23
CA ASP F 111 -5.89 -28.04 8.93
C ASP F 111 -6.95 -28.47 7.92
N PRO F 112 -6.59 -29.12 6.80
CA PRO F 112 -7.61 -29.34 5.76
C PRO F 112 -8.85 -30.08 6.24
N LYS F 113 -8.70 -31.07 7.12
CA LYS F 113 -9.82 -31.89 7.56
C LYS F 113 -10.14 -31.69 9.04
N ASN F 114 -9.63 -30.62 9.66
CA ASN F 114 -9.98 -30.23 11.01
C ASN F 114 -9.88 -31.41 11.98
N THR F 115 -8.66 -31.91 12.14
CA THR F 115 -8.38 -32.96 13.11
C THR F 115 -6.99 -32.74 13.67
N LEU F 116 -6.87 -32.82 15.00
CA LEU F 116 -5.63 -32.57 15.71
C LEU F 116 -5.16 -33.85 16.39
N PHE F 117 -3.85 -34.07 16.36
CA PHE F 117 -3.24 -35.27 16.92
C PHE F 117 -2.09 -34.90 17.83
N LEU F 118 -1.94 -35.62 18.94
CA LEU F 118 -0.80 -35.49 19.85
C LEU F 118 -0.26 -36.89 20.07
N GLN F 119 0.62 -37.34 19.18
CA GLN F 119 1.13 -38.70 19.23
C GLN F 119 2.00 -38.91 20.47
N MET F 120 1.87 -40.08 21.09
CA MET F 120 2.50 -40.40 22.35
C MET F 120 3.29 -41.68 22.19
N THR F 121 4.55 -41.67 22.61
CA THR F 121 5.42 -42.84 22.49
C THR F 121 5.59 -43.58 23.82
N SER F 122 6.10 -42.91 24.84
CA SER F 122 6.43 -43.53 26.11
C SER F 122 5.38 -43.18 27.15
N LEU F 123 4.75 -44.21 27.72
CA LEU F 123 3.68 -44.03 28.70
C LEU F 123 4.08 -44.72 30.00
N ARG F 124 3.96 -43.99 31.10
CA ARG F 124 4.26 -44.49 32.44
C ARG F 124 3.11 -44.18 33.37
N SER F 125 3.16 -44.77 34.57
CA SER F 125 2.08 -44.58 35.53
C SER F 125 1.80 -43.10 35.77
N GLU F 126 2.86 -42.28 35.83
CA GLU F 126 2.68 -40.85 36.04
C GLU F 126 1.92 -40.19 34.89
N ASP F 127 1.84 -40.85 33.73
CA ASP F 127 1.15 -40.30 32.59
C ASP F 127 -0.31 -40.71 32.51
N THR F 128 -0.81 -41.44 33.50
CA THR F 128 -2.23 -41.80 33.55
C THR F 128 -3.03 -40.58 33.93
N ALA F 129 -3.51 -39.85 32.92
CA ALA F 129 -4.29 -38.65 33.15
C ALA F 129 -5.23 -38.44 31.97
N MET F 130 -6.39 -37.85 32.26
CA MET F 130 -7.43 -37.67 31.24
C MET F 130 -7.16 -36.36 30.51
N TYR F 131 -6.51 -36.47 29.36
CA TYR F 131 -6.05 -35.29 28.63
C TYR F 131 -7.21 -34.54 28.01
N TYR F 132 -7.16 -33.21 28.11
CA TYR F 132 -8.13 -32.31 27.52
C TYR F 132 -7.52 -31.59 26.33
N CYS F 133 -8.35 -30.82 25.63
CA CYS F 133 -7.88 -29.96 24.55
C CYS F 133 -8.53 -28.60 24.69
N VAL F 134 -7.78 -27.56 24.30
CA VAL F 134 -8.20 -26.18 24.50
C VAL F 134 -7.79 -25.37 23.27
N ARG F 135 -8.60 -24.37 22.94
CA ARG F 135 -8.33 -23.48 21.84
C ARG F 135 -7.82 -22.14 22.34
N SER F 136 -7.10 -21.44 21.46
CA SER F 136 -6.56 -20.13 21.80
C SER F 136 -6.12 -19.37 20.56
N ILE F 137 -6.63 -18.16 20.38
CA ILE F 137 -6.21 -17.27 19.30
C ILE F 137 -5.51 -16.07 19.92
N TYR F 138 -4.36 -15.71 19.37
CA TYR F 138 -3.48 -14.70 19.96
C TYR F 138 -3.42 -13.48 19.05
N TYR F 139 -4.31 -12.53 19.29
CA TYR F 139 -4.20 -11.19 18.72
C TYR F 139 -4.66 -10.22 19.79
N TYR F 140 -4.31 -8.94 19.62
CA TYR F 140 -4.72 -7.95 20.61
C TYR F 140 -6.22 -8.01 20.84
N GLY F 141 -6.61 -8.08 22.11
CA GLY F 141 -8.00 -8.21 22.47
C GLY F 141 -8.53 -9.63 22.42
N SER F 142 -7.64 -10.59 22.23
CA SER F 142 -8.06 -11.98 22.15
C SER F 142 -8.50 -12.55 23.47
N SER F 143 -9.02 -13.76 23.43
CA SER F 143 -9.44 -14.46 24.65
C SER F 143 -8.86 -15.87 24.64
N PRO F 144 -7.56 -16.00 24.89
CA PRO F 144 -6.94 -17.33 24.89
C PRO F 144 -7.59 -18.25 25.91
N PHE F 145 -7.61 -19.54 25.58
CA PHE F 145 -8.19 -20.57 26.44
C PHE F 145 -9.68 -20.33 26.64
N ASP F 146 -10.38 -20.08 25.53
CA ASP F 146 -11.79 -19.72 25.60
C ASP F 146 -12.68 -20.96 25.75
N PHE F 147 -12.51 -21.94 24.87
CA PHE F 147 -13.33 -23.14 24.88
C PHE F 147 -12.48 -24.35 25.24
N TRP F 148 -13.07 -25.26 26.01
CA TRP F 148 -12.44 -26.50 26.42
C TRP F 148 -13.28 -27.68 25.94
N GLY F 149 -12.61 -28.71 25.44
CA GLY F 149 -13.29 -29.92 25.06
C GLY F 149 -13.75 -30.69 26.28
N GLN F 150 -13.91 -32.01 26.15
CA GLN F 150 -14.22 -32.88 27.27
C GLN F 150 -13.11 -33.86 27.61
N GLY F 151 -12.15 -34.07 26.72
CA GLY F 151 -11.01 -34.91 27.02
C GLY F 151 -11.35 -36.38 27.14
N THR F 152 -10.34 -37.24 26.99
CA THR F 152 -10.52 -38.68 27.07
C THR F 152 -9.64 -39.21 28.21
N THR F 153 -10.19 -40.14 28.98
CA THR F 153 -9.51 -40.65 30.17
C THR F 153 -8.42 -41.65 29.74
N LEU F 154 -7.17 -41.22 29.80
CA LEU F 154 -6.04 -42.10 29.51
C LEU F 154 -5.65 -42.84 30.78
N THR F 155 -5.63 -44.17 30.71
CA THR F 155 -5.30 -45.01 31.84
C THR F 155 -4.16 -45.94 31.43
N VAL F 156 -3.12 -46.01 32.25
CA VAL F 156 -1.96 -46.85 32.00
C VAL F 156 -1.93 -47.95 33.06
N SER F 157 -1.90 -49.19 32.60
CA SER F 157 -1.89 -50.34 33.51
C SER F 157 -0.58 -50.39 34.29
N SER F 173 12.95 -26.74 37.03
CA SER F 173 13.05 -25.97 38.26
C SER F 173 12.85 -24.49 38.00
N ALA F 174 13.39 -24.00 36.89
CA ALA F 174 13.26 -22.60 36.53
C ALA F 174 11.84 -22.22 36.13
N ASP F 175 10.97 -23.20 35.92
CA ASP F 175 9.59 -22.92 35.54
C ASP F 175 8.96 -21.95 36.52
N ILE F 176 7.94 -21.24 36.04
CA ILE F 176 7.27 -20.25 36.86
C ILE F 176 6.26 -20.95 37.76
N VAL F 177 6.72 -21.39 38.91
CA VAL F 177 5.85 -22.09 39.86
C VAL F 177 4.83 -21.10 40.41
N MET F 178 3.64 -21.61 40.73
CA MET F 178 2.55 -20.79 41.25
C MET F 178 1.77 -21.64 42.24
N THR F 179 1.56 -21.11 43.44
CA THR F 179 0.98 -21.86 44.55
C THR F 179 -0.36 -21.25 44.93
N GLN F 180 -1.29 -22.10 45.36
CA GLN F 180 -2.60 -21.69 45.82
C GLN F 180 -2.74 -21.99 47.30
N ALA F 181 -3.36 -21.06 48.03
CA ALA F 181 -3.25 -21.05 49.49
C ALA F 181 -3.81 -22.33 50.12
N THR F 182 -5.07 -22.61 49.82
CA THR F 182 -5.74 -23.74 50.46
C THR F 182 -6.30 -24.76 49.51
N SER F 183 -6.51 -25.97 50.01
CA SER F 183 -7.07 -27.03 49.19
C SER F 183 -8.60 -27.00 49.18
N SER F 184 -9.22 -26.40 50.20
CA SER F 184 -10.67 -26.36 50.26
C SER F 184 -11.10 -25.12 51.04
N VAL F 185 -12.32 -24.67 50.76
CA VAL F 185 -12.89 -23.50 51.41
C VAL F 185 -14.40 -23.66 51.52
N PRO F 186 -14.92 -24.20 52.62
CA PRO F 186 -16.39 -24.27 52.76
C PRO F 186 -17.00 -22.87 52.74
N VAL F 187 -18.17 -22.77 52.09
CA VAL F 187 -18.82 -21.47 51.90
C VAL F 187 -20.33 -21.65 51.96
N THR F 188 -21.06 -20.55 51.80
CA THR F 188 -22.51 -20.53 51.83
C THR F 188 -23.03 -19.81 50.59
N PRO F 189 -24.27 -20.07 50.18
CA PRO F 189 -24.81 -19.38 49.01
C PRO F 189 -24.85 -17.87 49.23
N GLY F 190 -24.64 -17.13 48.15
CA GLY F 190 -24.65 -15.68 48.24
C GLY F 190 -23.46 -15.10 48.98
N GLU F 191 -22.48 -15.91 49.33
CA GLU F 191 -21.30 -15.46 50.05
C GLU F 191 -20.18 -15.21 49.06
N SER F 192 -19.43 -14.13 49.27
CA SER F 192 -18.31 -13.78 48.40
C SER F 192 -17.04 -14.37 49.00
N VAL F 193 -16.52 -15.42 48.37
CA VAL F 193 -15.30 -16.08 48.78
C VAL F 193 -14.19 -15.71 47.80
N SER F 194 -13.08 -15.20 48.32
CA SER F 194 -11.98 -14.72 47.50
C SER F 194 -10.82 -15.69 47.63
N ILE F 195 -10.32 -16.17 46.50
CA ILE F 195 -9.20 -17.09 46.47
C ILE F 195 -7.91 -16.28 46.43
N SER F 196 -6.85 -16.85 46.96
CA SER F 196 -5.53 -16.23 46.97
C SER F 196 -4.56 -17.11 46.18
N CYS F 197 -3.69 -16.46 45.41
CA CYS F 197 -2.71 -17.16 44.60
C CYS F 197 -1.46 -16.31 44.51
N ARG F 198 -0.29 -16.96 44.55
CA ARG F 198 0.99 -16.27 44.56
C ARG F 198 1.83 -16.72 43.37
N SER F 199 2.50 -15.75 42.74
CA SER F 199 3.36 -16.01 41.59
C SER F 199 4.82 -15.89 42.01
N SER F 200 5.59 -16.95 41.76
CA SER F 200 7.02 -16.91 42.09
C SER F 200 7.72 -15.82 41.31
N LYS F 201 7.42 -15.68 40.03
CA LYS F 201 7.94 -14.62 39.18
C LYS F 201 6.82 -13.65 38.83
N SER F 202 7.17 -12.37 38.74
CA SER F 202 6.18 -11.36 38.41
C SER F 202 5.67 -11.57 36.99
N LEU F 203 4.35 -11.46 36.82
CA LEU F 203 3.71 -11.72 35.55
C LEU F 203 3.37 -10.44 34.77
N LEU F 204 3.71 -9.27 35.31
CA LEU F 204 3.47 -8.02 34.60
C LEU F 204 4.63 -7.77 33.65
N HIS F 205 4.56 -8.43 32.49
CA HIS F 205 5.56 -8.25 31.47
C HIS F 205 5.63 -6.78 31.07
N SER F 206 6.73 -6.42 30.39
CA SER F 206 6.99 -5.01 30.09
C SER F 206 5.82 -4.34 29.41
N ASN F 207 5.08 -5.06 28.57
CA ASN F 207 3.97 -4.44 27.84
C ASN F 207 2.77 -4.14 28.72
N GLY F 208 2.85 -4.27 30.04
CA GLY F 208 1.78 -3.82 30.92
C GLY F 208 0.64 -4.80 31.13
N ASN F 209 0.76 -6.03 30.64
CA ASN F 209 -0.29 -7.03 30.78
C ASN F 209 0.12 -8.06 31.82
N THR F 210 -0.82 -8.40 32.71
CA THR F 210 -0.62 -9.49 33.66
C THR F 210 -1.22 -10.76 33.07
N TYR F 211 -0.40 -11.79 32.92
CA TYR F 211 -0.79 -13.02 32.24
C TYR F 211 -1.20 -14.06 33.28
N LEU F 212 -2.41 -13.90 33.81
CA LEU F 212 -3.01 -14.88 34.71
C LEU F 212 -4.38 -15.27 34.18
N TYR F 213 -4.63 -16.58 34.10
CA TYR F 213 -5.91 -17.11 33.64
C TYR F 213 -6.52 -17.94 34.76
N TRP F 214 -7.78 -17.65 35.08
CA TRP F 214 -8.55 -18.43 36.03
C TRP F 214 -9.43 -19.43 35.29
N PHE F 215 -9.93 -20.42 36.03
CA PHE F 215 -10.71 -21.50 35.42
C PHE F 215 -11.67 -22.07 36.45
N LEU F 216 -12.63 -22.86 35.96
CA LEU F 216 -13.58 -23.53 36.83
C LEU F 216 -13.99 -24.90 36.28
N GLN F 217 -13.60 -25.96 36.97
CA GLN F 217 -13.96 -27.33 36.61
C GLN F 217 -15.05 -27.76 37.57
N ARG F 218 -16.29 -27.43 37.22
CA ARG F 218 -17.45 -27.87 37.98
C ARG F 218 -17.42 -29.39 38.09
N PRO F 219 -18.13 -29.99 39.05
CA PRO F 219 -17.99 -31.44 39.23
C PRO F 219 -18.44 -32.23 38.01
N GLY F 220 -17.49 -32.89 37.34
CA GLY F 220 -17.79 -33.75 36.23
C GLY F 220 -17.91 -33.06 34.88
N GLN F 221 -17.35 -31.86 34.72
CA GLN F 221 -17.37 -31.15 33.45
C GLN F 221 -15.96 -30.71 33.10
N SER F 222 -15.85 -29.93 32.03
CA SER F 222 -14.58 -29.43 31.56
C SER F 222 -14.34 -28.01 32.06
N PRO F 223 -13.09 -27.58 32.17
CA PRO F 223 -12.83 -26.21 32.64
C PRO F 223 -13.46 -25.17 31.73
N GLN F 224 -13.99 -24.12 32.36
CA GLN F 224 -14.52 -22.97 31.65
C GLN F 224 -13.76 -21.75 32.13
N LEU F 225 -13.35 -20.90 31.19
CA LEU F 225 -12.46 -19.79 31.52
C LEU F 225 -13.27 -18.63 32.06
N LEU F 226 -12.93 -18.20 33.27
CA LEU F 226 -13.60 -17.09 33.94
C LEU F 226 -12.88 -15.77 33.77
N ILE F 227 -11.55 -15.78 33.93
CA ILE F 227 -10.72 -14.59 33.74
C ILE F 227 -9.50 -15.02 32.94
N TYR F 228 -9.16 -14.27 31.90
CA TYR F 228 -8.09 -14.68 31.00
C TYR F 228 -6.83 -13.82 31.06
N ARG F 229 -6.88 -12.63 31.64
CA ARG F 229 -5.64 -11.88 31.90
C ARG F 229 -5.70 -11.19 33.25
N MET F 230 -6.28 -11.87 34.24
CA MET F 230 -6.26 -11.43 35.63
C MET F 230 -7.19 -10.25 35.88
N SER F 231 -7.71 -9.66 34.83
CA SER F 231 -8.65 -8.54 34.96
C SER F 231 -9.91 -8.72 34.12
N ASN F 232 -9.77 -9.31 32.94
CA ASN F 232 -10.85 -9.32 31.95
C ASN F 232 -11.77 -10.52 32.18
N LEU F 233 -13.07 -10.29 31.98
CA LEU F 233 -14.08 -11.33 32.14
C LEU F 233 -14.51 -11.84 30.77
N ALA F 234 -14.48 -13.15 30.59
CA ALA F 234 -14.76 -13.74 29.29
C ALA F 234 -16.25 -13.74 28.99
N SER F 235 -16.57 -14.04 27.74
CA SER F 235 -17.96 -14.08 27.30
C SER F 235 -18.67 -15.30 27.88
N GLY F 236 -19.96 -15.12 28.16
CA GLY F 236 -20.81 -16.21 28.59
C GLY F 236 -20.74 -16.53 30.07
N VAL F 237 -19.91 -15.84 30.84
CA VAL F 237 -19.81 -16.08 32.27
C VAL F 237 -20.54 -14.96 33.00
N PRO F 238 -21.20 -15.22 34.12
CA PRO F 238 -21.94 -14.16 34.81
C PRO F 238 -21.03 -13.03 35.25
N ASP F 239 -21.60 -11.83 35.33
CA ASP F 239 -20.85 -10.64 35.67
C ASP F 239 -20.32 -10.66 37.11
N ARG F 240 -20.82 -11.55 37.95
CA ARG F 240 -20.41 -11.54 39.36
C ARG F 240 -18.91 -11.77 39.51
N PHE F 241 -18.36 -12.70 38.74
CA PHE F 241 -16.93 -12.99 38.84
C PHE F 241 -16.11 -11.73 38.51
N SER F 242 -15.07 -11.50 39.30
CA SER F 242 -14.21 -10.35 39.13
C SER F 242 -12.78 -10.72 39.46
N GLY F 243 -11.84 -10.02 38.85
CA GLY F 243 -10.42 -10.29 39.04
C GLY F 243 -9.72 -9.11 39.67
N SER F 244 -8.76 -9.40 40.55
CA SER F 244 -7.96 -8.38 41.20
C SER F 244 -6.51 -8.84 41.22
N GLY F 245 -5.60 -7.86 41.31
CA GLY F 245 -4.20 -8.18 41.30
C GLY F 245 -3.30 -7.05 41.75
N SER F 246 -2.26 -7.39 42.52
CA SER F 246 -1.25 -6.44 42.95
C SER F 246 0.04 -6.51 42.16
N GLY F 247 0.40 -7.70 41.67
CA GLY F 247 1.54 -7.83 40.78
C GLY F 247 2.31 -9.13 40.97
N THR F 248 2.17 -9.76 42.13
CA THR F 248 2.86 -11.01 42.41
C THR F 248 1.89 -12.07 42.90
N ALA F 249 0.84 -11.65 43.60
CA ALA F 249 -0.17 -12.56 44.11
C ALA F 249 -1.55 -11.94 43.85
N PHE F 250 -2.34 -12.60 43.00
CA PHE F 250 -3.66 -12.12 42.63
C PHE F 250 -4.73 -12.86 43.42
N THR F 251 -5.98 -12.44 43.23
CA THR F 251 -7.12 -13.06 43.87
C THR F 251 -8.30 -13.07 42.90
N LEU F 252 -9.21 -14.00 43.14
CA LEU F 252 -10.43 -14.13 42.36
C LEU F 252 -11.64 -14.01 43.29
N THR F 253 -12.64 -13.25 42.86
CA THR F 253 -13.78 -12.90 43.70
C THR F 253 -15.08 -13.25 43.00
N ILE F 254 -16.10 -13.57 43.80
CA ILE F 254 -17.44 -13.84 43.33
C ILE F 254 -18.41 -13.04 44.19
N SER F 255 -19.35 -12.35 43.55
CA SER F 255 -20.27 -11.49 44.30
C SER F 255 -21.21 -12.31 45.16
N ARG F 256 -21.74 -13.40 44.62
CA ARG F 256 -22.75 -14.19 45.33
C ARG F 256 -22.66 -15.63 44.84
N LEU F 257 -22.14 -16.52 45.67
CA LEU F 257 -22.01 -17.91 45.29
C LEU F 257 -23.38 -18.49 44.96
N GLU F 258 -23.43 -19.29 43.89
CA GLU F 258 -24.64 -19.93 43.43
C GLU F 258 -24.36 -21.40 43.16
N ALA F 259 -25.39 -22.14 42.74
CA ALA F 259 -25.24 -23.57 42.53
C ALA F 259 -24.20 -23.86 41.46
N GLU F 260 -24.21 -23.10 40.37
CA GLU F 260 -23.25 -23.32 39.29
C GLU F 260 -21.85 -22.89 39.65
N ASP F 261 -21.65 -22.22 40.77
CA ASP F 261 -20.35 -21.71 41.17
C ASP F 261 -19.57 -22.67 42.06
N VAL F 262 -20.02 -23.92 42.17
CA VAL F 262 -19.34 -24.92 42.99
C VAL F 262 -18.39 -25.71 42.11
N GLY F 263 -17.14 -25.83 42.56
CA GLY F 263 -16.15 -26.58 41.81
C GLY F 263 -14.75 -26.30 42.35
N VAL F 264 -13.77 -26.58 41.51
CA VAL F 264 -12.36 -26.39 41.83
C VAL F 264 -11.79 -25.35 40.87
N TYR F 265 -11.21 -24.29 41.44
CA TYR F 265 -10.66 -23.23 40.61
C TYR F 265 -9.21 -23.48 40.30
N TYR F 266 -8.68 -22.78 39.31
CA TYR F 266 -7.31 -22.99 38.87
C TYR F 266 -6.73 -21.68 38.34
N CYS F 267 -5.41 -21.68 38.17
CA CYS F 267 -4.67 -20.49 37.77
C CYS F 267 -3.66 -20.87 36.71
N MET F 268 -3.19 -19.85 35.97
CA MET F 268 -2.20 -20.02 34.92
C MET F 268 -1.09 -18.99 35.06
N GLN F 269 0.08 -19.35 34.58
CA GLN F 269 1.24 -18.46 34.51
C GLN F 269 1.74 -18.50 33.08
N HIS F 270 1.16 -17.66 32.22
CA HIS F 270 1.42 -17.68 30.79
C HIS F 270 2.45 -16.64 30.37
N LEU F 271 3.43 -16.36 31.23
CA LEU F 271 4.47 -15.41 30.87
C LEU F 271 5.49 -16.02 29.91
N GLU F 272 5.79 -17.30 30.06
CA GLU F 272 6.87 -17.96 29.33
C GLU F 272 6.38 -19.28 28.77
N TYR F 273 7.23 -19.91 27.96
CA TYR F 273 6.84 -21.13 27.24
C TYR F 273 6.25 -22.18 28.17
N PRO F 274 6.89 -22.55 29.28
CA PRO F 274 6.21 -23.42 30.24
C PRO F 274 5.00 -22.72 30.84
N LEU F 275 3.94 -23.50 31.06
CA LEU F 275 2.70 -23.01 31.65
C LEU F 275 2.46 -23.79 32.93
N THR F 276 2.63 -23.15 34.08
CA THR F 276 2.50 -23.81 35.36
C THR F 276 1.12 -23.57 35.94
N PHE F 277 0.47 -24.66 36.33
CA PHE F 277 -0.80 -24.61 37.03
C PHE F 277 -0.57 -24.60 38.54
N GLY F 278 -1.62 -24.30 39.27
CA GLY F 278 -1.60 -24.33 40.73
C GLY F 278 -2.61 -25.33 41.25
N ALA F 279 -2.27 -26.00 42.35
CA ALA F 279 -3.19 -26.96 42.95
C ALA F 279 -4.53 -26.32 43.21
N GLY F 280 -5.59 -26.96 42.72
CA GLY F 280 -6.90 -26.36 42.78
C GLY F 280 -7.45 -26.27 44.19
N THR F 281 -8.44 -25.38 44.33
CA THR F 281 -9.09 -25.17 45.60
C THR F 281 -10.50 -25.71 45.51
N LYS F 282 -10.86 -26.63 46.39
CA LYS F 282 -12.17 -27.28 46.34
C LYS F 282 -13.19 -26.40 47.06
N LEU F 283 -14.14 -25.85 46.32
CA LEU F 283 -15.20 -25.02 46.88
C LEU F 283 -16.49 -25.84 46.96
N GLU F 284 -17.08 -25.90 48.14
CA GLU F 284 -18.30 -26.67 48.35
C GLU F 284 -19.16 -25.91 49.37
N LEU F 285 -20.32 -26.48 49.67
CA LEU F 285 -21.24 -25.89 50.62
C LEU F 285 -22.30 -26.90 51.05
#